data_5IXT
#
_entry.id   5IXT
#
_cell.length_a   148.921
_cell.length_b   148.921
_cell.length_c   58.022
_cell.angle_alpha   90.00
_cell.angle_beta   90.00
_cell.angle_gamma   120.00
#
_symmetry.space_group_name_H-M   'P 31 2 1'
#
loop_
_entity.id
_entity.type
_entity.pdbx_description
1 polymer 'Receptor-like protein kinase 5'
2 polymer 'Protein IDA'
3 branched 2-acetamido-2-deoxy-beta-D-glucopyranose-(1-4)-2-acetamido-2-deoxy-beta-D-glucopyranose
4 branched alpha-D-mannopyranose-(1-3)-beta-D-mannopyranose-(1-4)-2-acetamido-2-deoxy-beta-D-glucopyranose-(1-4)-2-acetamido-2-deoxy-beta-D-glucopyranose
5 non-polymer 2-acetamido-2-deoxy-beta-D-glucopyranose
6 non-polymer 'MAGNESIUM ION'
7 non-polymer 1,2-ETHANEDIOL
8 water water
#
loop_
_entity_poly.entity_id
_entity_poly.type
_entity_poly.pdbx_seq_one_letter_code
_entity_poly.pdbx_strand_id
1 'polypeptide(L)'
;GSSMGSLNQDATILRQAKLGLSDPAQSLSSWSDNNDVTPCKWLGVSCDATSNVVSVDLSSFMLVGPFPSILCHLPSLHSL
SLYNNSINGSLSADDFDTCHNLISLDLSENLLVGSIPKSLPFNLPNLKFLEISGNNLSDTIPSSFGEFRKLESLNLAGNF
LSGTIPASLGNVTTLKELKLAYNLFSPSQIPSQLGNLTELQVLWLAGCNLVGPIPPSLSRLTSLVNLDLTFNQLTGSIPS
WITQLKTVEQIELFNNSFSGELPESMGNMTTLKRFDASMNKLTGKIPDNLNLLNLESLNLFENMLEGPLPESITRSKTLS
ELKLFNNRLTGVLPSQLGANSPLQYVDLSYNRFSGEIPANVCGEGKLEYLILIDNSFSGEISNNLGKCKSLTRVRLSNNK
LSGQIPHGFWGLPRLSLLELSDNSFTGSIPKTIIGAKNLSNLRISKNRFSGSIPNEIGSLNGIIEISGAENDFSGEIPES
LVKLKQLSRLDLSKNQLSGEIPRELRGWKNLNELNLANNHLSGEIPKEVGILPVLNYLDLSSNQFSGEIPLELQNLKLNV
LNLSYNHLSGKIPPLYANKIYAHDFIGNPGLCVDLDGLCRKITRSKLEGSENLYFQ
;
A
2 'polypeptide(L)' YPKGVPIPPSA(HYP)SKRHN B
#
loop_
_chem_comp.id
_chem_comp.type
_chem_comp.name
_chem_comp.formula
BMA D-saccharide, beta linking beta-D-mannopyranose 'C6 H12 O6'
EDO non-polymer 1,2-ETHANEDIOL 'C2 H6 O2'
MAN D-saccharide, alpha linking alpha-D-mannopyranose 'C6 H12 O6'
MG non-polymer 'MAGNESIUM ION' 'Mg 2'
NAG D-saccharide, beta linking 2-acetamido-2-deoxy-beta-D-glucopyranose 'C8 H15 N O6'
#
# COMPACT_ATOMS: atom_id res chain seq x y z
N MET A 4 53.93 -8.67 11.73
CA MET A 4 53.61 -9.76 12.70
C MET A 4 52.99 -9.18 13.95
N GLY A 5 53.61 -8.14 14.52
CA GLY A 5 53.12 -7.50 15.78
C GLY A 5 51.66 -7.06 15.74
N SER A 6 51.33 -6.31 14.69
CA SER A 6 49.94 -5.84 14.55
C SER A 6 48.95 -6.97 14.21
N LEU A 7 49.37 -7.96 13.42
CA LEU A 7 48.49 -9.12 13.12
C LEU A 7 48.16 -9.88 14.42
N ASN A 8 49.17 -10.09 15.24
CA ASN A 8 48.98 -10.68 16.57
C ASN A 8 47.98 -9.93 17.46
N GLN A 9 48.24 -8.65 17.66
CA GLN A 9 47.33 -7.81 18.43
C GLN A 9 45.91 -7.91 17.94
N ASP A 10 45.72 -7.69 16.64
CA ASP A 10 44.37 -7.64 16.06
C ASP A 10 43.66 -8.97 16.28
N ALA A 11 44.35 -10.09 15.94
CA ALA A 11 43.76 -11.44 16.06
C ALA A 11 43.30 -11.68 17.48
N THR A 12 44.10 -11.26 18.46
CA THR A 12 43.69 -11.50 19.86
C THR A 12 42.47 -10.70 20.27
N ILE A 13 42.48 -9.39 19.96
CA ILE A 13 41.36 -8.53 20.34
C ILE A 13 40.08 -8.98 19.66
N LEU A 14 40.15 -9.30 18.37
CA LEU A 14 39.03 -9.82 17.62
C LEU A 14 38.48 -11.11 18.20
N ARG A 15 39.35 -12.07 18.52
CA ARG A 15 38.91 -13.32 19.22
C ARG A 15 38.29 -13.08 20.60
N GLN A 16 38.88 -12.19 21.37
CA GLN A 16 38.27 -11.79 22.66
C GLN A 16 36.87 -11.20 22.49
N ALA A 17 36.67 -10.37 21.48
CA ALA A 17 35.34 -9.83 21.23
C ALA A 17 34.33 -10.89 20.84
N LYS A 18 34.75 -11.76 19.97
CA LYS A 18 33.91 -12.87 19.53
C LYS A 18 33.49 -13.81 20.66
N LEU A 19 34.39 -14.06 21.58
CA LEU A 19 34.02 -14.84 22.78
C LEU A 19 32.84 -14.31 23.64
N GLY A 20 32.60 -12.98 23.61
CA GLY A 20 31.54 -12.38 24.36
C GLY A 20 30.23 -12.34 23.56
N LEU A 21 30.16 -12.94 22.38
CA LEU A 21 28.96 -13.02 21.57
C LEU A 21 28.61 -14.46 21.33
N SER A 22 27.34 -14.73 21.09
CA SER A 22 26.89 -16.00 20.61
C SER A 22 26.73 -15.88 19.07
N ASP A 23 27.21 -16.89 18.34
CA ASP A 23 27.22 -16.93 16.88
C ASP A 23 26.53 -18.21 16.32
N PRO A 24 25.21 -18.33 16.48
CA PRO A 24 24.56 -19.58 16.12
C PRO A 24 24.58 -19.88 14.62
N ALA A 25 24.78 -18.87 13.77
CA ALA A 25 24.89 -19.06 12.29
C ALA A 25 26.32 -19.41 11.79
N GLN A 26 27.30 -19.42 12.70
CA GLN A 26 28.73 -19.64 12.38
C GLN A 26 29.30 -18.61 11.42
N SER A 27 28.77 -17.38 11.54
CA SER A 27 29.21 -16.29 10.69
C SER A 27 30.68 -15.96 10.87
N LEU A 28 31.22 -16.14 12.07
CA LEU A 28 32.61 -15.85 12.39
C LEU A 28 33.51 -17.09 12.45
N SER A 29 33.16 -18.16 11.72
CA SER A 29 34.03 -19.30 11.59
C SER A 29 35.45 -18.98 11.10
N SER A 30 35.61 -17.99 10.23
CA SER A 30 36.98 -17.59 9.73
C SER A 30 37.85 -16.97 10.81
N TRP A 31 37.24 -16.49 11.88
CA TRP A 31 37.97 -16.00 13.03
C TRP A 31 38.36 -17.14 13.97
N SER A 32 37.99 -18.41 13.68
CA SER A 32 37.99 -19.56 14.65
C SER A 32 39.38 -20.20 14.67
N ASP A 36 44.59 -20.57 10.66
CA ASP A 36 45.64 -20.44 9.62
C ASP A 36 45.91 -18.99 9.18
N VAL A 37 44.85 -18.29 8.77
CA VAL A 37 44.92 -17.11 7.90
C VAL A 37 45.05 -15.77 8.68
N THR A 38 45.81 -14.82 8.11
CA THR A 38 45.96 -13.46 8.69
C THR A 38 44.58 -12.84 9.01
N PRO A 39 44.47 -12.15 10.18
CA PRO A 39 43.20 -11.50 10.49
C PRO A 39 42.74 -10.47 9.45
N CYS A 40 43.65 -9.88 8.70
CA CYS A 40 43.26 -8.96 7.65
C CYS A 40 42.38 -9.60 6.59
N LYS A 41 42.27 -10.93 6.51
CA LYS A 41 41.40 -11.60 5.53
C LYS A 41 40.23 -12.36 6.16
N TRP A 42 39.99 -12.15 7.43
CA TRP A 42 38.86 -12.71 8.10
C TRP A 42 37.60 -11.97 7.62
N LEU A 43 36.49 -12.66 7.65
CA LEU A 43 35.22 -12.12 7.21
C LEU A 43 34.84 -10.90 8.04
N GLY A 44 34.50 -9.83 7.37
CA GLY A 44 34.04 -8.58 8.01
C GLY A 44 35.17 -7.65 8.45
N VAL A 45 36.42 -8.01 8.23
CA VAL A 45 37.56 -7.34 8.81
C VAL A 45 38.37 -6.64 7.69
N SER A 46 38.67 -5.36 7.87
CA SER A 46 39.60 -4.65 6.93
C SER A 46 40.75 -4.00 7.69
N CYS A 47 41.91 -4.03 7.07
CA CYS A 47 43.08 -3.50 7.64
C CYS A 47 43.65 -2.36 6.82
N ASP A 48 44.52 -1.59 7.47
CA ASP A 48 45.34 -0.60 6.78
C ASP A 48 46.62 -1.27 6.28
N ALA A 49 47.48 -0.47 5.67
CA ALA A 49 48.72 -0.99 5.10
C ALA A 49 49.70 -1.54 6.13
N THR A 50 49.64 -1.06 7.37
CA THR A 50 50.52 -1.60 8.46
C THR A 50 49.90 -2.82 9.16
N SER A 51 48.86 -3.41 8.56
CA SER A 51 48.17 -4.57 9.10
C SER A 51 47.37 -4.35 10.40
N ASN A 52 46.89 -3.13 10.65
CA ASN A 52 46.05 -2.85 11.81
C ASN A 52 44.64 -2.83 11.34
N VAL A 53 43.76 -3.43 12.13
CA VAL A 53 42.35 -3.39 11.84
C VAL A 53 41.81 -1.96 11.90
N VAL A 54 41.18 -1.59 10.81
CA VAL A 54 40.57 -0.24 10.68
C VAL A 54 39.04 -0.28 10.66
N SER A 55 38.48 -1.41 10.27
CA SER A 55 37.03 -1.51 10.09
C SER A 55 36.59 -2.92 10.40
N VAL A 56 35.47 -3.04 11.12
CA VAL A 56 34.83 -4.33 11.42
C VAL A 56 33.36 -4.18 11.03
N ASP A 57 32.94 -4.96 10.05
CA ASP A 57 31.57 -4.91 9.53
C ASP A 57 30.95 -6.29 9.69
N LEU A 58 30.09 -6.44 10.68
CA LEU A 58 29.47 -7.70 11.00
C LEU A 58 27.98 -7.62 10.63
N SER A 59 27.65 -6.90 9.57
CA SER A 59 26.26 -6.66 9.16
C SER A 59 25.54 -7.98 8.81
N SER A 60 24.41 -8.20 9.48
CA SER A 60 23.49 -9.31 9.14
C SER A 60 24.09 -10.68 9.48
N PHE A 61 24.93 -10.72 10.52
CA PHE A 61 25.65 -11.95 10.91
C PHE A 61 24.89 -12.77 11.94
N MET A 62 23.70 -12.34 12.32
CA MET A 62 22.90 -13.05 13.37
C MET A 62 23.65 -13.27 14.73
N LEU A 63 24.50 -12.35 15.11
CA LEU A 63 25.22 -12.39 16.38
C LEU A 63 24.30 -11.95 17.53
N VAL A 64 24.41 -12.65 18.66
CA VAL A 64 23.61 -12.37 19.84
C VAL A 64 24.48 -12.05 21.06
N GLY A 65 24.13 -11.00 21.79
CA GLY A 65 24.73 -10.71 23.09
C GLY A 65 25.01 -9.21 23.24
N PRO A 66 25.74 -8.80 24.30
CA PRO A 66 25.86 -7.39 24.59
C PRO A 66 26.81 -6.71 23.60
N PHE A 67 26.77 -5.38 23.55
CA PHE A 67 27.64 -4.61 22.66
C PHE A 67 29.11 -5.03 22.87
N PRO A 68 29.86 -5.42 21.78
CA PRO A 68 31.20 -5.98 21.99
C PRO A 68 32.26 -4.87 22.08
N SER A 69 32.32 -4.22 23.24
CA SER A 69 33.11 -3.02 23.38
C SER A 69 34.59 -3.35 23.33
N ILE A 70 34.97 -4.63 23.55
CA ILE A 70 36.35 -5.02 23.33
C ILE A 70 36.90 -4.65 21.93
N LEU A 71 36.05 -4.64 20.89
CA LEU A 71 36.45 -4.23 19.54
C LEU A 71 37.07 -2.84 19.54
N CYS A 72 36.55 -1.95 20.36
CA CYS A 72 37.18 -0.64 20.55
C CYS A 72 38.61 -0.59 21.05
N HIS A 73 39.13 -1.70 21.59
CA HIS A 73 40.54 -1.80 22.03
CA HIS A 73 40.50 -1.80 22.04
C HIS A 73 41.49 -1.90 20.83
N LEU A 74 40.98 -2.17 19.63
CA LEU A 74 41.80 -2.18 18.41
C LEU A 74 42.20 -0.73 18.16
N PRO A 75 43.51 -0.40 18.22
CA PRO A 75 43.82 1.03 18.29
C PRO A 75 43.53 1.84 17.02
N SER A 76 43.44 1.20 15.86
CA SER A 76 43.16 1.92 14.63
C SER A 76 41.74 1.74 14.15
N LEU A 77 40.88 1.12 14.95
CA LEU A 77 39.49 0.92 14.57
C LEU A 77 38.78 2.25 14.36
N HIS A 78 38.32 2.48 13.13
CA HIS A 78 37.58 3.68 12.76
C HIS A 78 36.14 3.45 12.38
N SER A 79 35.80 2.25 11.91
CA SER A 79 34.44 1.94 11.52
C SER A 79 33.99 0.65 12.13
N LEU A 80 32.82 0.69 12.74
CA LEU A 80 32.22 -0.48 13.36
C LEU A 80 30.75 -0.55 12.94
N SER A 81 30.33 -1.66 12.31
CA SER A 81 28.94 -1.88 12.00
C SER A 81 28.49 -3.22 12.56
N LEU A 82 27.44 -3.17 13.36
CA LEU A 82 26.72 -4.31 13.89
C LEU A 82 25.29 -4.29 13.39
N TYR A 83 25.08 -3.64 12.26
CA TYR A 83 23.78 -3.54 11.61
C TYR A 83 23.09 -4.92 11.53
N ASN A 84 21.86 -4.98 12.00
CA ASN A 84 20.96 -6.14 11.80
C ASN A 84 21.53 -7.39 12.40
N ASN A 85 21.75 -7.36 13.70
CA ASN A 85 22.11 -8.56 14.47
C ASN A 85 21.12 -8.72 15.64
N SER A 86 21.52 -9.38 16.72
CA SER A 86 20.76 -9.43 17.93
C SER A 86 21.58 -8.93 19.11
N ILE A 87 22.22 -7.77 18.94
CA ILE A 87 22.86 -7.13 20.07
C ILE A 87 21.80 -6.63 21.04
N ASN A 88 21.90 -6.98 22.32
CA ASN A 88 20.79 -6.78 23.25
C ASN A 88 21.26 -6.14 24.53
N GLY A 89 20.38 -5.97 25.49
CA GLY A 89 20.68 -5.26 26.73
C GLY A 89 20.65 -3.79 26.42
N SER A 90 21.23 -2.99 27.29
CA SER A 90 21.21 -1.56 27.09
C SER A 90 22.63 -1.04 26.91
N LEU A 91 22.74 0.17 26.39
CA LEU A 91 23.98 0.86 26.22
C LEU A 91 24.33 1.50 27.57
N SER A 92 25.52 1.24 28.08
CA SER A 92 26.05 1.97 29.25
C SER A 92 27.09 3.01 28.79
N ALA A 93 27.33 3.98 29.66
CA ALA A 93 28.38 5.00 29.43
C ALA A 93 29.69 4.30 29.15
N ASP A 94 30.02 3.35 30.04
CA ASP A 94 31.22 2.55 29.96
C ASP A 94 31.42 1.83 28.63
N ASP A 95 30.36 1.34 27.97
CA ASP A 95 30.51 0.60 26.69
C ASP A 95 31.36 1.32 25.65
N PHE A 96 31.33 2.66 25.70
CA PHE A 96 31.98 3.51 24.70
C PHE A 96 33.23 4.29 25.15
N ASP A 97 33.66 4.11 26.39
CA ASP A 97 34.89 4.70 26.99
C ASP A 97 36.14 4.65 26.17
N THR A 98 36.30 3.55 25.45
CA THR A 98 37.48 3.28 24.67
C THR A 98 37.26 3.41 23.16
N CYS A 99 36.03 3.78 22.76
CA CYS A 99 35.66 3.86 21.34
C CYS A 99 35.91 5.23 20.72
N HIS A 100 36.71 6.10 21.36
CA HIS A 100 36.90 7.49 20.92
C HIS A 100 37.59 7.67 19.58
N ASN A 101 38.25 6.65 19.05
CA ASN A 101 38.76 6.73 17.66
C ASN A 101 37.70 6.54 16.57
N LEU A 102 36.51 6.03 16.90
CA LEU A 102 35.52 5.74 15.88
C LEU A 102 35.06 6.99 15.11
N ILE A 103 34.97 6.81 13.79
CA ILE A 103 34.37 7.72 12.84
C ILE A 103 32.96 7.32 12.45
N SER A 104 32.69 6.03 12.44
CA SER A 104 31.44 5.48 12.01
C SER A 104 30.98 4.37 12.96
N LEU A 105 29.73 4.43 13.41
CA LEU A 105 29.16 3.43 14.33
C LEU A 105 27.76 3.14 13.92
N ASP A 106 27.47 1.90 13.57
CA ASP A 106 26.12 1.50 13.13
C ASP A 106 25.61 0.37 14.02
N LEU A 107 24.63 0.70 14.85
CA LEU A 107 23.98 -0.22 15.76
C LEU A 107 22.50 -0.44 15.37
N SER A 108 22.14 -0.10 14.13
CA SER A 108 20.75 -0.16 13.70
C SER A 108 20.25 -1.62 13.60
N GLU A 109 18.95 -1.83 13.86
CA GLU A 109 18.31 -3.14 13.72
C GLU A 109 18.89 -4.20 14.62
N ASN A 110 18.93 -3.89 15.90
CA ASN A 110 19.31 -4.79 16.96
C ASN A 110 18.20 -4.88 18.00
N LEU A 111 18.52 -5.29 19.21
CA LEU A 111 17.55 -5.50 20.24
C LEU A 111 17.86 -4.60 21.42
N LEU A 112 18.47 -3.46 21.20
CA LEU A 112 18.83 -2.59 22.32
C LEU A 112 17.60 -1.89 22.99
N VAL A 113 17.68 -1.75 24.30
CA VAL A 113 16.64 -1.14 25.16
C VAL A 113 17.30 -0.06 26.02
N GLY A 114 16.51 0.69 26.78
CA GLY A 114 16.99 1.68 27.73
C GLY A 114 17.42 2.93 26.99
N SER A 115 18.08 3.80 27.73
CA SER A 115 18.32 5.17 27.31
C SER A 115 19.63 5.29 26.53
N ILE A 116 19.73 6.34 25.72
CA ILE A 116 21.02 6.71 25.15
C ILE A 116 21.85 7.35 26.26
N PRO A 117 23.09 6.88 26.49
CA PRO A 117 23.90 7.53 27.55
C PRO A 117 24.18 9.01 27.23
N LYS A 118 24.08 9.86 28.23
CA LYS A 118 24.32 11.30 28.06
C LYS A 118 25.76 11.55 27.63
N SER A 119 26.66 10.62 27.98
CA SER A 119 28.10 10.77 27.81
C SER A 119 28.58 10.36 26.40
N LEU A 120 27.68 9.84 25.56
CA LEU A 120 28.05 9.33 24.25
C LEU A 120 28.88 10.33 23.39
N PRO A 121 28.45 11.61 23.25
CA PRO A 121 29.30 12.54 22.48
C PRO A 121 30.68 12.79 23.01
N PHE A 122 30.86 12.79 24.34
CA PHE A 122 32.15 12.92 24.94
C PHE A 122 33.07 11.71 24.64
N ASN A 123 32.49 10.55 24.61
CA ASN A 123 33.25 9.31 24.42
C ASN A 123 33.49 9.02 22.96
N LEU A 124 32.67 9.58 22.09
CA LEU A 124 32.74 9.37 20.65
C LEU A 124 32.86 10.70 19.91
N PRO A 125 33.86 11.51 20.27
CA PRO A 125 33.89 12.87 19.70
C PRO A 125 34.28 12.95 18.23
N ASN A 126 34.83 11.90 17.64
CA ASN A 126 35.26 12.01 16.23
C ASN A 126 34.22 11.49 15.25
N LEU A 127 33.05 11.06 15.74
CA LEU A 127 32.13 10.39 14.87
C LEU A 127 31.62 11.30 13.77
N LYS A 128 31.55 10.75 12.57
CA LYS A 128 30.87 11.37 11.45
C LYS A 128 29.51 10.74 11.18
N PHE A 129 29.35 9.47 11.52
CA PHE A 129 28.17 8.72 11.16
C PHE A 129 27.73 7.95 12.36
N LEU A 130 26.49 8.20 12.81
CA LEU A 130 25.92 7.44 13.94
C LEU A 130 24.55 6.93 13.59
N GLU A 131 24.35 5.61 13.60
CA GLU A 131 23.04 5.03 13.37
C GLU A 131 22.71 4.04 14.45
N ILE A 132 21.56 4.24 15.05
CA ILE A 132 20.96 3.28 16.01
C ILE A 132 19.49 3.16 15.74
N SER A 133 19.14 3.09 14.48
CA SER A 133 17.75 3.08 14.04
C SER A 133 17.16 1.69 14.36
N GLY A 134 15.84 1.56 14.54
CA GLY A 134 15.20 0.22 14.66
C GLY A 134 15.62 -0.59 15.87
N ASN A 135 15.74 0.07 17.02
CA ASN A 135 15.90 -0.66 18.32
C ASN A 135 14.69 -0.37 19.19
N ASN A 136 14.80 -0.61 20.50
CA ASN A 136 13.82 -0.20 21.49
C ASN A 136 14.32 0.88 22.48
N LEU A 137 15.06 1.87 21.98
CA LEU A 137 15.63 2.90 22.83
C LEU A 137 14.52 3.81 23.33
N SER A 138 14.63 4.17 24.62
CA SER A 138 13.58 4.94 25.29
C SER A 138 14.23 6.16 25.99
N ASP A 139 13.42 6.97 26.66
CA ASP A 139 13.85 8.24 27.25
C ASP A 139 14.16 9.24 26.11
N THR A 140 14.83 10.34 26.42
CA THR A 140 14.97 11.45 25.46
C THR A 140 16.28 11.33 24.67
N ILE A 141 16.36 12.07 23.57
CA ILE A 141 17.63 12.26 22.88
C ILE A 141 18.44 13.23 23.75
N PRO A 142 19.62 12.83 24.26
CA PRO A 142 20.30 13.72 25.23
C PRO A 142 20.63 15.07 24.61
N SER A 143 20.45 16.15 25.35
CA SER A 143 20.86 17.47 24.85
C SER A 143 22.36 17.61 24.53
N SER A 144 23.17 16.76 25.17
CA SER A 144 24.61 16.71 24.90
C SER A 144 24.95 16.38 23.44
N PHE A 145 23.98 15.85 22.68
CA PHE A 145 24.18 15.60 21.27
C PHE A 145 24.57 16.87 20.48
N GLY A 146 24.21 18.04 21.01
CA GLY A 146 24.66 19.32 20.47
C GLY A 146 26.15 19.58 20.54
N GLU A 147 26.90 18.77 21.29
CA GLU A 147 28.35 18.88 21.37
C GLU A 147 29.16 18.18 20.22
N PHE A 148 28.55 17.32 19.41
CA PHE A 148 29.32 16.63 18.32
C PHE A 148 29.90 17.68 17.34
N ARG A 149 31.20 17.63 17.11
CA ARG A 149 31.88 18.64 16.29
C ARG A 149 32.02 18.18 14.86
N LYS A 150 31.84 16.90 14.60
CA LYS A 150 32.07 16.41 13.25
C LYS A 150 30.97 15.62 12.62
N LEU A 151 29.87 15.40 13.35
CA LEU A 151 28.84 14.50 12.88
C LEU A 151 28.15 14.99 11.62
N GLU A 152 28.08 14.09 10.64
CA GLU A 152 27.52 14.33 9.36
C GLU A 152 26.14 13.65 9.20
N SER A 153 25.92 12.54 9.87
CA SER A 153 24.69 11.83 9.71
C SER A 153 24.30 11.21 11.01
N LEU A 154 23.05 11.44 11.39
CA LEU A 154 22.47 10.92 12.62
C LEU A 154 21.18 10.22 12.29
N ASN A 155 21.07 8.95 12.66
CA ASN A 155 19.83 8.21 12.41
C ASN A 155 19.40 7.47 13.67
N LEU A 156 18.32 7.98 14.29
CA LEU A 156 17.69 7.37 15.46
C LEU A 156 16.26 6.96 15.18
N ALA A 157 15.91 6.77 13.91
CA ALA A 157 14.54 6.48 13.50
C ALA A 157 14.10 5.15 14.04
N GLY A 158 12.83 5.04 14.38
CA GLY A 158 12.24 3.71 14.74
C GLY A 158 12.67 3.22 16.11
N ASN A 159 12.50 4.02 17.12
CA ASN A 159 12.79 3.62 18.50
C ASN A 159 11.58 4.04 19.30
N PHE A 160 11.68 4.08 20.62
CA PHE A 160 10.62 4.62 21.45
C PHE A 160 11.08 5.90 22.16
N LEU A 161 11.91 6.68 21.49
CA LEU A 161 12.44 7.90 22.08
C LEU A 161 11.28 8.88 22.35
N SER A 162 11.31 9.53 23.52
CA SER A 162 10.24 10.42 23.88
C SER A 162 10.77 11.78 24.27
N GLY A 163 9.92 12.57 24.91
CA GLY A 163 10.20 14.00 25.11
C GLY A 163 10.05 14.71 23.78
N THR A 164 10.91 15.69 23.53
CA THR A 164 10.88 16.44 22.27
C THR A 164 12.26 16.46 21.65
N ILE A 165 12.30 16.79 20.38
CA ILE A 165 13.57 16.84 19.62
C ILE A 165 14.40 17.97 20.22
N PRO A 166 15.62 17.72 20.70
CA PRO A 166 16.29 18.76 21.45
C PRO A 166 16.78 19.91 20.54
N ALA A 167 16.58 21.14 20.97
CA ALA A 167 17.00 22.34 20.21
C ALA A 167 18.50 22.37 19.92
N SER A 168 19.28 21.74 20.80
CA SER A 168 20.74 21.74 20.69
C SER A 168 21.28 20.99 19.46
N LEU A 169 20.48 20.13 18.86
CA LEU A 169 20.86 19.52 17.60
C LEU A 169 21.18 20.58 16.55
N GLY A 170 20.58 21.77 16.65
CA GLY A 170 20.94 22.89 15.78
C GLY A 170 22.36 23.43 15.87
N ASN A 171 23.07 23.10 16.93
CA ASN A 171 24.51 23.36 17.02
C ASN A 171 25.43 22.40 16.26
N VAL A 172 24.92 21.30 15.74
CA VAL A 172 25.72 20.31 15.05
C VAL A 172 25.78 20.67 13.57
N THR A 173 26.42 21.80 13.25
CA THR A 173 26.27 22.38 11.92
C THR A 173 27.00 21.65 10.79
N THR A 174 27.74 20.61 11.12
CA THR A 174 28.25 19.64 10.14
C THR A 174 27.21 18.63 9.65
N LEU A 175 26.03 18.58 10.25
CA LEU A 175 25.05 17.61 9.85
C LEU A 175 24.54 17.80 8.44
N LYS A 176 24.58 16.70 7.72
CA LYS A 176 24.05 16.59 6.38
C LYS A 176 22.80 15.71 6.35
N GLU A 177 22.63 14.82 7.32
CA GLU A 177 21.41 13.99 7.37
C GLU A 177 20.95 13.89 8.80
N LEU A 178 19.66 14.13 9.02
CA LEU A 178 19.05 14.04 10.33
C LEU A 178 17.77 13.21 10.23
N LYS A 179 17.79 12.01 10.80
CA LYS A 179 16.72 11.04 10.67
C LYS A 179 16.27 10.63 12.04
N LEU A 180 15.08 11.11 12.42
CA LEU A 180 14.54 10.87 13.76
C LEU A 180 13.13 10.28 13.69
N ALA A 181 12.75 9.83 12.51
CA ALA A 181 11.39 9.41 12.19
C ALA A 181 10.90 8.22 13.02
N TYR A 182 9.60 8.20 13.34
CA TYR A 182 8.94 7.01 13.99
C TYR A 182 9.50 6.77 15.40
N ASN A 183 9.36 7.80 16.24
CA ASN A 183 9.61 7.71 17.68
C ASN A 183 8.34 8.10 18.45
N LEU A 184 8.39 8.24 19.76
CA LEU A 184 7.21 8.51 20.58
C LEU A 184 7.33 9.88 21.24
N PHE A 185 7.72 10.88 20.48
CA PHE A 185 7.88 12.20 21.05
C PHE A 185 6.54 12.77 21.49
N SER A 186 6.57 13.67 22.48
CA SER A 186 5.40 14.45 22.88
C SER A 186 5.03 15.40 21.78
N PRO A 187 3.77 15.84 21.73
CA PRO A 187 3.40 16.78 20.68
CA PRO A 187 3.40 16.79 20.70
C PRO A 187 4.22 18.05 20.83
N SER A 188 4.90 18.46 19.78
CA SER A 188 5.72 19.67 19.84
C SER A 188 5.99 20.21 18.45
N GLN A 189 6.47 21.43 18.40
CA GLN A 189 6.89 22.04 17.14
C GLN A 189 8.28 21.59 16.70
N ILE A 190 8.52 21.64 15.40
CA ILE A 190 9.88 21.44 14.88
C ILE A 190 10.73 22.58 15.47
N PRO A 191 11.84 22.26 16.17
CA PRO A 191 12.60 23.35 16.76
C PRO A 191 13.13 24.27 15.68
N SER A 192 12.95 25.55 15.90
CA SER A 192 13.41 26.59 15.00
C SER A 192 14.93 26.51 14.74
N GLN A 193 15.66 26.04 15.74
CA GLN A 193 17.12 25.96 15.71
C GLN A 193 17.60 24.96 14.66
N LEU A 194 16.74 24.06 14.16
CA LEU A 194 17.14 23.15 13.09
C LEU A 194 17.47 23.91 11.78
N GLY A 195 16.89 25.10 11.63
CA GLY A 195 17.26 26.06 10.60
C GLY A 195 18.73 26.48 10.53
N ASN A 196 19.48 26.29 11.61
CA ASN A 196 20.92 26.51 11.61
C ASN A 196 21.70 25.40 10.94
N LEU A 197 21.06 24.27 10.62
CA LEU A 197 21.78 23.11 10.07
C LEU A 197 21.81 23.30 8.59
N THR A 198 22.60 24.30 8.16
CA THR A 198 22.48 24.79 6.80
C THR A 198 23.01 23.85 5.73
N GLU A 199 23.77 22.84 6.13
CA GLU A 199 24.23 21.83 5.19
C GLU A 199 23.27 20.66 5.07
N LEU A 200 22.13 20.64 5.78
CA LEU A 200 21.26 19.47 5.72
C LEU A 200 20.78 19.13 4.30
N GLN A 201 20.92 17.88 3.93
CA GLN A 201 20.41 17.32 2.67
C GLN A 201 19.19 16.41 2.91
N VAL A 202 19.17 15.79 4.07
CA VAL A 202 18.06 14.89 4.41
C VAL A 202 17.49 15.30 5.77
N LEU A 203 16.17 15.58 5.80
CA LEU A 203 15.51 15.81 7.06
C LEU A 203 14.28 14.88 7.11
N TRP A 204 14.32 13.87 7.97
CA TRP A 204 13.30 12.85 8.03
C TRP A 204 12.76 12.85 9.45
N LEU A 205 11.58 13.48 9.62
CA LEU A 205 10.90 13.61 10.91
C LEU A 205 9.46 13.09 10.79
N ALA A 206 9.26 12.09 9.96
CA ALA A 206 7.97 11.40 9.86
C ALA A 206 7.59 10.73 11.17
N GLY A 207 6.29 10.78 11.53
CA GLY A 207 5.77 10.12 12.72
C GLY A 207 6.42 10.58 14.00
N CYS A 208 6.51 11.91 14.18
CA CYS A 208 7.22 12.51 15.31
C CYS A 208 6.33 13.36 16.18
N ASN A 209 5.02 13.26 15.98
CA ASN A 209 4.04 14.01 16.78
C ASN A 209 4.28 15.52 16.67
N LEU A 210 4.68 15.96 15.48
CA LEU A 210 4.90 17.39 15.25
C LEU A 210 3.57 18.11 15.08
N VAL A 211 3.50 19.30 15.64
CA VAL A 211 2.34 20.20 15.51
C VAL A 211 2.85 21.58 15.04
N GLY A 212 1.93 22.39 14.60
CA GLY A 212 2.26 23.75 14.21
C GLY A 212 2.86 23.85 12.81
N PRO A 213 3.36 25.03 12.42
CA PRO A 213 3.86 25.21 11.05
C PRO A 213 5.28 24.67 10.87
N ILE A 214 5.68 24.51 9.62
CA ILE A 214 7.05 24.31 9.33
C ILE A 214 7.70 25.66 9.67
N PRO A 215 8.69 25.67 10.56
CA PRO A 215 9.27 26.97 10.92
C PRO A 215 9.90 27.71 9.73
N PRO A 216 9.75 29.06 9.68
CA PRO A 216 10.39 29.89 8.65
C PRO A 216 11.91 29.71 8.57
N SER A 217 12.57 29.48 9.70
CA SER A 217 14.05 29.25 9.67
C SER A 217 14.48 28.12 8.75
N LEU A 218 13.59 27.15 8.48
CA LEU A 218 13.99 26.02 7.62
C LEU A 218 14.21 26.42 6.15
N SER A 219 13.77 27.61 5.77
CA SER A 219 14.19 28.23 4.51
C SER A 219 15.70 28.40 4.36
N ARG A 220 16.47 28.36 5.44
CA ARG A 220 17.95 28.37 5.32
C ARG A 220 18.53 27.00 4.84
N LEU A 221 17.73 25.94 4.82
CA LEU A 221 18.21 24.60 4.42
C LEU A 221 18.18 24.49 2.92
N THR A 222 19.00 25.28 2.26
CA THR A 222 18.97 25.37 0.82
C THR A 222 19.66 24.22 0.11
N SER A 223 20.29 23.29 0.83
CA SER A 223 20.84 22.06 0.20
C SER A 223 19.91 20.89 0.35
N LEU A 224 18.66 21.10 0.79
CA LEU A 224 17.79 19.96 0.98
C LEU A 224 17.56 19.17 -0.31
N VAL A 225 17.72 17.87 -0.19
CA VAL A 225 17.44 16.89 -1.25
C VAL A 225 16.13 16.12 -0.93
N ASN A 226 15.98 15.67 0.31
CA ASN A 226 14.81 14.91 0.80
C ASN A 226 14.30 15.54 2.09
N LEU A 227 13.08 16.11 2.00
CA LEU A 227 12.36 16.67 3.15
C LEU A 227 11.18 15.76 3.35
N ASP A 228 11.12 15.09 4.49
CA ASP A 228 10.05 14.09 4.72
C ASP A 228 9.49 14.31 6.11
N LEU A 229 8.29 14.89 6.13
CA LEU A 229 7.60 15.23 7.38
C LEU A 229 6.24 14.54 7.47
N THR A 230 6.17 13.34 6.93
CA THR A 230 4.94 12.59 6.79
C THR A 230 4.40 12.19 8.15
N PHE A 231 3.08 12.00 8.25
CA PHE A 231 2.45 11.44 9.46
C PHE A 231 2.70 12.33 10.67
N ASN A 232 2.30 13.60 10.63
CA ASN A 232 2.38 14.48 11.78
C ASN A 232 1.06 15.31 11.77
N GLN A 233 0.98 16.36 12.55
CA GLN A 233 -0.21 17.21 12.50
C GLN A 233 0.27 18.64 12.21
N LEU A 234 1.13 18.78 11.21
CA LEU A 234 1.61 20.11 10.79
C LEU A 234 0.51 20.90 10.09
N THR A 235 0.52 22.20 10.29
CA THR A 235 -0.59 23.07 9.87
C THR A 235 -0.06 24.27 9.02
N GLY A 236 -0.97 25.07 8.45
CA GLY A 236 -0.57 26.23 7.64
C GLY A 236 -0.17 25.79 6.24
N SER A 237 0.46 26.69 5.50
CA SER A 237 0.75 26.52 4.08
C SER A 237 1.99 25.68 3.92
N ILE A 238 2.07 25.01 2.79
CA ILE A 238 3.31 24.38 2.37
C ILE A 238 4.16 25.53 1.90
N PRO A 239 5.29 25.79 2.55
CA PRO A 239 5.90 27.07 2.18
C PRO A 239 6.52 27.09 0.76
N SER A 240 6.45 28.24 0.12
CA SER A 240 6.86 28.35 -1.27
C SER A 240 8.38 28.32 -1.45
N TRP A 241 9.19 28.54 -0.39
CA TRP A 241 10.65 28.36 -0.47
C TRP A 241 11.09 26.90 -0.88
N ILE A 242 10.25 25.88 -0.68
CA ILE A 242 10.63 24.53 -1.18
C ILE A 242 10.87 24.57 -2.68
N THR A 243 10.15 25.46 -3.35
CA THR A 243 10.24 25.67 -4.78
C THR A 243 11.56 26.22 -5.29
N GLN A 244 12.30 26.92 -4.44
CA GLN A 244 13.57 27.46 -4.88
C GLN A 244 14.77 26.58 -4.48
N LEU A 245 14.52 25.43 -3.87
CA LEU A 245 15.59 24.46 -3.56
C LEU A 245 16.18 24.00 -4.88
N LYS A 246 17.42 24.28 -5.13
CA LYS A 246 17.96 23.92 -6.43
C LYS A 246 18.23 22.41 -6.66
N THR A 247 18.25 21.59 -5.59
CA THR A 247 18.62 20.18 -5.74
CA THR A 247 18.64 20.18 -5.71
C THR A 247 17.61 19.25 -5.10
N VAL A 248 16.42 19.75 -4.81
CA VAL A 248 15.41 18.93 -4.17
C VAL A 248 14.98 17.77 -5.07
N GLU A 249 14.97 16.56 -4.51
CA GLU A 249 14.47 15.41 -5.22
C GLU A 249 13.19 14.82 -4.68
N GLN A 250 12.92 14.97 -3.40
CA GLN A 250 11.81 14.33 -2.77
C GLN A 250 11.20 15.21 -1.68
N ILE A 251 9.89 15.45 -1.78
CA ILE A 251 9.16 16.16 -0.81
C ILE A 251 8.00 15.26 -0.38
N GLU A 252 7.98 14.87 0.89
CA GLU A 252 6.98 13.94 1.40
C GLU A 252 6.29 14.59 2.56
N LEU A 253 5.01 14.93 2.40
CA LEU A 253 4.29 15.75 3.38
C LEU A 253 2.90 15.16 3.66
N PHE A 254 2.75 13.91 3.31
CA PHE A 254 1.47 13.31 3.41
C PHE A 254 1.06 12.98 4.83
N ASN A 255 -0.25 13.06 5.01
CA ASN A 255 -0.92 12.81 6.26
C ASN A 255 -0.50 13.85 7.35
N ASN A 256 -0.89 15.10 7.07
CA ASN A 256 -0.68 16.24 7.93
C ASN A 256 -2.00 17.06 7.96
N SER A 257 -1.95 18.32 8.38
CA SER A 257 -3.08 19.22 8.26
C SER A 257 -2.72 20.49 7.50
N PHE A 258 -1.92 20.34 6.45
CA PHE A 258 -1.58 21.47 5.61
C PHE A 258 -2.80 22.03 4.88
N SER A 259 -2.89 23.35 4.79
CA SER A 259 -4.04 24.03 4.18
C SER A 259 -3.51 25.05 3.20
N GLY A 260 -4.40 25.79 2.56
CA GLY A 260 -4.03 26.68 1.49
C GLY A 260 -3.71 25.90 0.24
N GLU A 261 -2.95 26.50 -0.64
CA GLU A 261 -2.75 26.00 -2.00
C GLU A 261 -1.33 25.52 -2.21
N LEU A 262 -1.17 24.65 -3.21
CA LEU A 262 0.17 24.23 -3.65
C LEU A 262 0.92 25.44 -4.18
N PRO A 263 2.18 25.61 -3.79
CA PRO A 263 2.86 26.84 -4.22
C PRO A 263 2.85 26.97 -5.75
N GLU A 264 2.41 28.11 -6.22
CA GLU A 264 2.19 28.44 -7.66
C GLU A 264 3.35 28.11 -8.58
N SER A 265 4.59 28.33 -8.13
CA SER A 265 5.75 28.12 -8.94
C SER A 265 6.41 26.74 -8.77
N MET A 266 5.69 25.78 -8.18
CA MET A 266 6.08 24.35 -8.20
C MET A 266 6.52 23.82 -9.55
N GLY A 267 5.87 24.34 -10.59
CA GLY A 267 6.21 24.03 -11.97
C GLY A 267 7.65 24.09 -12.43
N ASN A 268 8.44 24.94 -11.80
CA ASN A 268 9.85 25.06 -12.19
C ASN A 268 10.81 24.11 -11.42
N MET A 269 10.29 23.18 -10.61
CA MET A 269 11.17 22.32 -9.77
C MET A 269 11.68 21.15 -10.61
N THR A 270 12.61 21.48 -11.50
CA THR A 270 13.08 20.57 -12.56
CA THR A 270 12.99 20.52 -12.56
C THR A 270 13.74 19.29 -12.01
N THR A 271 14.24 19.40 -10.79
CA THR A 271 14.96 18.29 -10.18
C THR A 271 14.09 17.33 -9.43
N LEU A 272 12.85 17.71 -9.16
CA LEU A 272 11.99 16.95 -8.34
C LEU A 272 11.60 15.60 -8.94
N LYS A 273 11.76 14.54 -8.15
CA LYS A 273 11.46 13.17 -8.57
C LYS A 273 10.16 12.72 -7.97
N ARG A 274 9.96 13.00 -6.69
CA ARG A 274 8.79 12.51 -5.96
C ARG A 274 8.17 13.62 -5.10
N PHE A 275 6.86 13.80 -5.24
CA PHE A 275 6.13 14.78 -4.47
C PHE A 275 4.85 14.12 -3.98
N ASP A 276 4.68 14.09 -2.67
CA ASP A 276 3.49 13.53 -2.04
C ASP A 276 2.98 14.50 -0.97
N ALA A 277 1.83 15.12 -1.22
CA ALA A 277 1.16 15.95 -0.21
C ALA A 277 -0.28 15.51 -0.04
N SER A 278 -0.49 14.21 -0.16
CA SER A 278 -1.78 13.58 0.04
C SER A 278 -2.25 13.68 1.47
N MET A 279 -3.56 13.46 1.65
CA MET A 279 -4.17 13.50 2.97
C MET A 279 -3.82 14.75 3.75
N ASN A 280 -4.19 15.91 3.21
CA ASN A 280 -4.02 17.18 3.90
C ASN A 280 -5.34 17.90 3.72
N LYS A 281 -5.34 19.20 3.81
CA LYS A 281 -6.52 19.99 3.58
C LYS A 281 -6.24 21.05 2.53
N LEU A 282 -5.58 20.66 1.45
CA LEU A 282 -5.23 21.60 0.38
C LEU A 282 -6.43 22.00 -0.48
N THR A 283 -6.51 23.27 -0.81
CA THR A 283 -7.54 23.83 -1.67
C THR A 283 -6.88 24.46 -2.91
N GLY A 284 -7.68 25.02 -3.79
CA GLY A 284 -7.17 25.62 -5.03
C GLY A 284 -6.78 24.59 -6.07
N LYS A 285 -5.98 25.03 -7.04
CA LYS A 285 -5.66 24.25 -8.24
C LYS A 285 -4.28 23.63 -8.21
N ILE A 286 -4.09 22.66 -9.10
CA ILE A 286 -2.79 22.10 -9.35
C ILE A 286 -2.08 23.20 -10.10
N PRO A 287 -0.88 23.60 -9.67
CA PRO A 287 -0.17 24.60 -10.48
C PRO A 287 -0.01 24.17 -11.93
N ASP A 288 -0.04 25.13 -12.84
CA ASP A 288 0.13 24.86 -14.28
C ASP A 288 1.53 25.33 -14.74
N ASN A 289 1.78 25.39 -16.04
CA ASN A 289 3.13 25.55 -16.57
C ASN A 289 4.14 24.64 -15.88
N LEU A 290 3.77 23.37 -15.76
CA LEU A 290 4.64 22.34 -15.13
C LEU A 290 5.79 22.04 -16.06
N ASN A 291 7.00 22.03 -15.51
CA ASN A 291 8.19 21.64 -16.26
C ASN A 291 8.97 20.68 -15.36
N LEU A 292 8.25 19.66 -14.95
CA LEU A 292 8.70 18.76 -13.91
C LEU A 292 9.39 17.63 -14.61
N LEU A 293 10.56 17.96 -15.13
CA LEU A 293 11.27 17.07 -16.08
C LEU A 293 11.68 15.71 -15.49
N ASN A 294 11.97 15.68 -14.19
CA ASN A 294 12.43 14.47 -13.54
C ASN A 294 11.39 13.78 -12.72
N LEU A 295 10.15 14.23 -12.81
CA LEU A 295 9.11 13.72 -11.93
C LEU A 295 8.77 12.26 -12.19
N GLU A 296 8.76 11.46 -11.13
CA GLU A 296 8.40 10.04 -11.17
C GLU A 296 7.07 9.76 -10.51
N SER A 297 6.78 10.48 -9.43
CA SER A 297 5.60 10.21 -8.65
C SER A 297 4.99 11.50 -8.17
N LEU A 298 3.70 11.66 -8.46
CA LEU A 298 2.90 12.78 -7.94
C LEU A 298 1.63 12.23 -7.28
N ASN A 299 1.56 12.40 -5.97
CA ASN A 299 0.46 11.98 -5.15
C ASN A 299 -0.12 13.24 -4.46
N LEU A 300 -1.39 13.51 -4.75
CA LEU A 300 -2.10 14.61 -4.12
C LEU A 300 -3.50 14.19 -3.68
N PHE A 301 -3.67 12.90 -3.46
CA PHE A 301 -4.95 12.37 -3.10
C PHE A 301 -5.46 12.81 -1.72
N GLU A 302 -6.80 12.78 -1.55
CA GLU A 302 -7.49 13.15 -0.29
C GLU A 302 -7.14 14.57 0.10
N ASN A 303 -7.43 15.48 -0.80
CA ASN A 303 -7.39 16.91 -0.48
C ASN A 303 -8.75 17.51 -0.92
N MET A 304 -8.82 18.82 -1.11
CA MET A 304 -9.99 19.51 -1.68
C MET A 304 -9.56 20.33 -2.91
N LEU A 305 -8.71 19.73 -3.74
CA LEU A 305 -8.24 20.37 -4.97
C LEU A 305 -9.33 20.48 -6.02
N GLU A 306 -9.34 21.58 -6.77
CA GLU A 306 -10.36 21.82 -7.82
C GLU A 306 -9.61 22.13 -9.09
N GLY A 307 -10.34 22.33 -10.18
CA GLY A 307 -9.74 22.64 -11.46
C GLY A 307 -9.15 21.42 -12.17
N PRO A 308 -8.49 21.66 -13.29
CA PRO A 308 -8.13 20.53 -14.14
C PRO A 308 -6.74 19.89 -13.82
N LEU A 309 -6.45 18.76 -14.47
CA LEU A 309 -5.09 18.22 -14.51
C LEU A 309 -4.39 18.95 -15.67
N PRO A 310 -3.40 19.81 -15.38
CA PRO A 310 -2.91 20.63 -16.51
C PRO A 310 -2.22 19.78 -17.58
N GLU A 311 -2.39 20.16 -18.84
CA GLU A 311 -1.75 19.51 -20.00
C GLU A 311 -0.23 19.32 -19.83
N SER A 312 0.40 20.29 -19.15
CA SER A 312 1.85 20.33 -18.99
C SER A 312 2.40 19.20 -18.10
N ILE A 313 1.53 18.44 -17.44
CA ILE A 313 1.93 17.21 -16.80
C ILE A 313 2.60 16.27 -17.80
N THR A 314 2.24 16.36 -19.08
CA THR A 314 2.79 15.47 -20.10
C THR A 314 4.25 15.78 -20.46
N ARG A 315 4.82 16.85 -19.91
CA ARG A 315 6.25 17.11 -20.02
C ARG A 315 7.09 16.19 -19.11
N SER A 316 6.45 15.53 -18.15
CA SER A 316 7.11 14.62 -17.22
C SER A 316 7.26 13.26 -17.85
N LYS A 317 8.31 13.10 -18.63
CA LYS A 317 8.49 11.90 -19.46
C LYS A 317 8.93 10.66 -18.68
N THR A 318 9.20 10.81 -17.39
CA THR A 318 9.51 9.68 -16.50
C THR A 318 8.42 9.41 -15.47
N LEU A 319 7.23 10.01 -15.64
CA LEU A 319 6.17 9.85 -14.66
C LEU A 319 5.67 8.43 -14.64
N SER A 320 5.64 7.81 -13.45
CA SER A 320 5.11 6.48 -13.35
C SER A 320 3.94 6.31 -12.38
N GLU A 321 3.76 7.22 -11.46
CA GLU A 321 2.73 7.13 -10.45
C GLU A 321 1.99 8.48 -10.37
N LEU A 322 0.69 8.42 -10.56
CA LEU A 322 -0.17 9.62 -10.45
C LEU A 322 -1.44 9.24 -9.71
N LYS A 323 -1.51 9.67 -8.46
CA LYS A 323 -2.63 9.41 -7.60
C LYS A 323 -3.24 10.73 -7.09
N LEU A 324 -4.40 11.07 -7.65
CA LEU A 324 -5.13 12.31 -7.39
C LEU A 324 -6.52 12.08 -6.85
N PHE A 325 -6.80 10.88 -6.36
CA PHE A 325 -8.14 10.52 -6.02
C PHE A 325 -8.67 11.32 -4.85
N ASN A 326 -9.98 11.44 -4.73
CA ASN A 326 -10.66 12.11 -3.62
C ASN A 326 -10.27 13.59 -3.55
N ASN A 327 -10.56 14.25 -4.66
CA ASN A 327 -10.43 15.70 -4.77
C ASN A 327 -11.72 16.23 -5.45
N ARG A 328 -11.72 17.45 -5.95
CA ARG A 328 -12.86 17.96 -6.71
C ARG A 328 -12.33 18.45 -8.07
N LEU A 329 -11.44 17.64 -8.66
CA LEU A 329 -10.87 17.96 -9.95
C LEU A 329 -11.91 17.74 -11.07
N THR A 330 -11.80 18.58 -12.10
CA THR A 330 -12.77 18.66 -13.19
C THR A 330 -12.04 18.72 -14.53
N GLY A 331 -12.79 18.68 -15.61
CA GLY A 331 -12.23 18.88 -16.93
C GLY A 331 -11.90 17.54 -17.55
N VAL A 332 -11.37 17.61 -18.76
CA VAL A 332 -11.03 16.44 -19.53
C VAL A 332 -9.57 16.18 -19.21
N LEU A 333 -9.14 14.93 -19.23
CA LEU A 333 -7.73 14.66 -19.03
C LEU A 333 -6.90 15.11 -20.27
N PRO A 334 -5.65 15.54 -20.06
CA PRO A 334 -4.78 15.71 -21.25
C PRO A 334 -4.79 14.48 -22.16
N SER A 335 -5.09 14.69 -23.43
CA SER A 335 -5.32 13.60 -24.35
C SER A 335 -4.09 12.75 -24.53
N GLN A 336 -2.90 13.34 -24.33
CA GLN A 336 -1.64 12.60 -24.51
C GLN A 336 -1.11 11.89 -23.28
N LEU A 337 -1.89 11.85 -22.21
CA LEU A 337 -1.42 11.31 -20.94
C LEU A 337 -1.05 9.86 -21.12
N GLY A 338 0.16 9.51 -20.69
CA GLY A 338 0.71 8.17 -20.82
C GLY A 338 1.45 7.84 -22.12
N ALA A 339 1.21 8.57 -23.20
CA ALA A 339 1.86 8.26 -24.47
C ALA A 339 3.39 8.28 -24.38
N ASN A 340 3.91 9.25 -23.63
CA ASN A 340 5.31 9.56 -23.48
C ASN A 340 5.85 9.37 -22.05
N SER A 341 5.15 8.62 -21.19
CA SER A 341 5.51 8.35 -19.78
C SER A 341 5.34 6.89 -19.49
N PRO A 342 6.16 6.30 -18.59
CA PRO A 342 5.98 4.88 -18.26
C PRO A 342 4.98 4.76 -17.13
N LEU A 343 3.72 5.09 -17.41
CA LEU A 343 2.72 5.10 -16.37
C LEU A 343 2.52 3.69 -15.84
N GLN A 344 2.58 3.59 -14.51
CA GLN A 344 2.46 2.33 -13.81
C GLN A 344 1.20 2.29 -12.96
N TYR A 345 0.98 3.32 -12.15
CA TYR A 345 -0.17 3.37 -11.21
C TYR A 345 -0.92 4.68 -11.43
N VAL A 346 -2.15 4.60 -11.89
CA VAL A 346 -2.95 5.76 -12.15
C VAL A 346 -4.23 5.59 -11.36
N ASP A 347 -4.49 6.47 -10.39
CA ASP A 347 -5.73 6.43 -9.58
C ASP A 347 -6.30 7.88 -9.42
N LEU A 348 -7.35 8.12 -10.20
CA LEU A 348 -8.03 9.42 -10.29
C LEU A 348 -9.49 9.38 -9.81
N SER A 349 -9.80 8.36 -9.03
CA SER A 349 -11.12 8.07 -8.52
C SER A 349 -11.68 9.21 -7.69
N TYR A 350 -13.01 9.29 -7.62
CA TYR A 350 -13.73 10.23 -6.75
C TYR A 350 -13.30 11.67 -7.04
N ASN A 351 -13.36 12.03 -8.31
CA ASN A 351 -13.24 13.41 -8.76
C ASN A 351 -14.46 13.70 -9.65
N ARG A 352 -14.41 14.76 -10.45
CA ARG A 352 -15.47 15.10 -11.41
C ARG A 352 -14.88 15.22 -12.82
N PHE A 353 -13.92 14.34 -13.16
CA PHE A 353 -13.36 14.37 -14.50
C PHE A 353 -14.45 13.96 -15.50
N SER A 354 -14.32 14.45 -16.72
CA SER A 354 -15.27 14.21 -17.83
C SER A 354 -14.49 13.92 -19.11
N GLY A 355 -15.23 13.66 -20.19
CA GLY A 355 -14.63 13.34 -21.49
C GLY A 355 -14.03 11.94 -21.52
N GLU A 356 -13.19 11.67 -22.50
CA GLU A 356 -12.70 10.30 -22.72
C GLU A 356 -11.47 9.95 -21.91
N ILE A 357 -11.33 8.65 -21.67
CA ILE A 357 -10.11 8.11 -21.10
C ILE A 357 -9.00 8.26 -22.16
N PRO A 358 -7.91 9.00 -21.87
CA PRO A 358 -6.82 9.17 -22.86
C PRO A 358 -6.43 7.81 -23.45
N ALA A 359 -6.33 7.77 -24.77
CA ALA A 359 -6.30 6.48 -25.49
C ALA A 359 -4.95 5.75 -25.30
N ASN A 360 -3.91 6.51 -25.03
CA ASN A 360 -2.59 5.93 -24.84
C ASN A 360 -2.14 5.97 -23.38
N VAL A 361 -3.09 5.85 -22.45
CA VAL A 361 -2.72 5.84 -21.02
C VAL A 361 -1.74 4.67 -20.74
N CYS A 362 -1.83 3.61 -21.55
CA CYS A 362 -0.90 2.52 -21.49
C CYS A 362 0.02 2.47 -22.70
N GLY A 363 0.36 3.63 -23.26
CA GLY A 363 1.25 3.68 -24.41
C GLY A 363 2.60 3.02 -24.26
N GLU A 364 3.21 3.08 -23.08
CA GLU A 364 4.55 2.48 -22.92
C GLU A 364 4.51 1.04 -22.39
N GLY A 365 3.32 0.52 -22.13
CA GLY A 365 3.16 -0.92 -21.81
C GLY A 365 3.49 -1.27 -20.38
N LYS A 366 3.43 -0.29 -19.48
CA LYS A 366 3.78 -0.49 -18.08
C LYS A 366 2.62 -0.36 -17.12
N LEU A 367 1.45 0.02 -17.61
CA LEU A 367 0.35 0.40 -16.72
C LEU A 367 -0.15 -0.85 -16.03
N GLU A 368 -0.16 -0.80 -14.70
CA GLU A 368 -0.67 -1.89 -13.87
C GLU A 368 -2.03 -1.59 -13.23
N TYR A 369 -2.21 -0.38 -12.69
CA TYR A 369 -3.46 0.03 -12.05
C TYR A 369 -4.08 1.16 -12.85
N LEU A 370 -5.34 1.00 -13.24
CA LEU A 370 -6.12 2.04 -13.86
C LEU A 370 -7.42 2.14 -13.08
N ILE A 371 -7.46 3.13 -12.18
CA ILE A 371 -8.51 3.24 -11.21
C ILE A 371 -9.15 4.60 -11.44
N LEU A 372 -10.38 4.59 -11.93
CA LEU A 372 -11.10 5.81 -12.32
C LEU A 372 -12.53 5.88 -11.75
N ILE A 373 -12.82 5.13 -10.70
CA ILE A 373 -14.14 5.06 -10.09
C ILE A 373 -14.74 6.43 -9.81
N ASP A 374 -16.03 6.61 -10.06
CA ASP A 374 -16.81 7.78 -9.58
C ASP A 374 -16.31 9.05 -10.23
N ASN A 375 -16.32 9.08 -11.55
CA ASN A 375 -16.06 10.29 -12.31
C ASN A 375 -17.22 10.39 -13.30
N SER A 376 -17.12 11.20 -14.34
CA SER A 376 -18.10 11.19 -15.45
C SER A 376 -17.38 11.00 -16.77
N PHE A 377 -16.44 10.07 -16.79
CA PHE A 377 -15.81 9.68 -18.04
C PHE A 377 -16.84 9.09 -19.02
N SER A 378 -16.72 9.46 -20.29
CA SER A 378 -17.64 9.00 -21.32
C SER A 378 -16.94 8.42 -22.54
N GLY A 379 -17.73 7.92 -23.47
CA GLY A 379 -17.22 7.28 -24.66
C GLY A 379 -16.81 5.87 -24.32
N GLU A 380 -15.86 5.37 -25.12
CA GLU A 380 -15.50 3.98 -25.15
C GLU A 380 -14.12 3.78 -24.60
N ILE A 381 -13.83 2.54 -24.22
CA ILE A 381 -12.49 2.20 -23.80
C ILE A 381 -11.78 2.01 -25.12
N SER A 382 -10.59 2.57 -25.23
CA SER A 382 -9.82 2.45 -26.44
C SER A 382 -9.40 1.01 -26.62
N ASN A 383 -9.39 0.53 -27.87
CA ASN A 383 -8.85 -0.78 -28.25
C ASN A 383 -7.40 -0.96 -27.81
N ASN A 384 -6.68 0.14 -27.65
CA ASN A 384 -5.32 0.12 -27.07
C ASN A 384 -5.24 -0.62 -25.75
N LEU A 385 -6.19 -0.30 -24.87
CA LEU A 385 -6.24 -0.88 -23.54
C LEU A 385 -6.47 -2.38 -23.57
N GLY A 386 -7.13 -2.84 -24.63
CA GLY A 386 -7.27 -4.25 -24.92
C GLY A 386 -5.95 -4.98 -25.11
N LYS A 387 -4.86 -4.25 -25.34
CA LYS A 387 -3.55 -4.84 -25.54
C LYS A 387 -2.59 -4.49 -24.38
N CYS A 388 -3.11 -3.89 -23.30
CA CYS A 388 -2.29 -3.47 -22.17
C CYS A 388 -2.05 -4.64 -21.22
N LYS A 389 -1.11 -5.50 -21.65
CA LYS A 389 -0.83 -6.79 -21.00
C LYS A 389 -0.25 -6.73 -19.58
N SER A 390 0.20 -5.56 -19.17
CA SER A 390 0.72 -5.36 -17.81
C SER A 390 -0.41 -5.12 -16.78
N LEU A 391 -1.62 -4.85 -17.24
CA LEU A 391 -2.71 -4.56 -16.29
C LEU A 391 -3.01 -5.61 -15.26
N THR A 392 -3.09 -5.18 -14.00
CA THR A 392 -3.57 -6.07 -12.93
C THR A 392 -4.88 -5.64 -12.27
N ARG A 393 -5.17 -4.34 -12.27
CA ARG A 393 -6.27 -3.80 -11.46
C ARG A 393 -6.94 -2.71 -12.27
N VAL A 394 -8.18 -2.96 -12.70
CA VAL A 394 -8.94 -2.00 -13.48
C VAL A 394 -10.25 -1.74 -12.78
N ARG A 395 -10.54 -0.48 -12.54
CA ARG A 395 -11.76 -0.08 -11.83
C ARG A 395 -12.26 1.13 -12.53
N LEU A 396 -13.34 0.93 -13.32
CA LEU A 396 -13.97 1.96 -14.14
C LEU A 396 -15.42 2.22 -13.78
N SER A 397 -15.82 1.78 -12.62
CA SER A 397 -17.21 1.82 -12.26
C SER A 397 -17.71 3.20 -11.98
N ASN A 398 -19.03 3.36 -12.17
CA ASN A 398 -19.75 4.59 -11.81
CA ASN A 398 -19.75 4.59 -11.80
C ASN A 398 -19.22 5.76 -12.64
N ASN A 399 -19.20 5.56 -13.94
CA ASN A 399 -18.85 6.62 -14.90
C ASN A 399 -19.98 6.77 -15.90
N LYS A 400 -19.73 7.27 -17.11
CA LYS A 400 -20.74 7.35 -18.16
C LYS A 400 -20.20 6.71 -19.42
N LEU A 401 -19.52 5.58 -19.28
CA LEU A 401 -18.85 4.92 -20.39
C LEU A 401 -19.86 4.06 -21.11
N SER A 402 -19.61 3.82 -22.39
CA SER A 402 -20.58 3.13 -23.28
C SER A 402 -19.82 2.31 -24.31
N GLY A 403 -20.56 1.68 -25.23
CA GLY A 403 -19.97 0.91 -26.30
C GLY A 403 -19.53 -0.44 -25.81
N GLN A 404 -18.97 -1.22 -26.74
CA GLN A 404 -18.49 -2.55 -26.45
C GLN A 404 -17.11 -2.47 -25.86
N ILE A 405 -16.82 -3.38 -24.94
CA ILE A 405 -15.51 -3.47 -24.33
C ILE A 405 -14.53 -4.02 -25.41
N PRO A 406 -13.28 -3.51 -25.49
CA PRO A 406 -12.26 -4.13 -26.39
C PRO A 406 -12.03 -5.62 -26.12
N HIS A 407 -12.01 -6.41 -27.19
CA HIS A 407 -12.03 -7.89 -27.15
C HIS A 407 -10.98 -8.50 -26.22
N GLY A 408 -9.76 -7.98 -26.30
CA GLY A 408 -8.60 -8.52 -25.57
C GLY A 408 -8.59 -8.14 -24.11
N PHE A 409 -9.42 -7.18 -23.74
CA PHE A 409 -9.48 -6.70 -22.37
C PHE A 409 -9.94 -7.80 -21.41
N TRP A 410 -10.89 -8.60 -21.87
CA TRP A 410 -11.41 -9.72 -21.09
C TRP A 410 -10.41 -10.84 -20.79
N GLY A 411 -9.43 -11.04 -21.67
CA GLY A 411 -8.40 -12.07 -21.51
C GLY A 411 -6.98 -11.66 -21.11
N LEU A 412 -6.80 -10.46 -20.58
CA LEU A 412 -5.46 -9.98 -20.20
C LEU A 412 -4.84 -10.90 -19.13
N PRO A 413 -3.58 -11.33 -19.32
CA PRO A 413 -3.00 -12.45 -18.58
C PRO A 413 -2.73 -12.21 -17.09
N ARG A 414 -2.57 -10.95 -16.69
CA ARG A 414 -2.27 -10.59 -15.30
C ARG A 414 -3.43 -9.84 -14.60
N LEU A 415 -4.54 -9.68 -15.31
CA LEU A 415 -5.63 -8.87 -14.80
C LEU A 415 -6.27 -9.63 -13.66
N SER A 416 -6.24 -9.04 -12.46
CA SER A 416 -6.80 -9.65 -11.25
C SER A 416 -8.20 -9.11 -10.90
N LEU A 417 -8.37 -7.80 -10.98
CA LEU A 417 -9.66 -7.15 -10.72
C LEU A 417 -10.08 -6.46 -11.99
N LEU A 418 -11.20 -6.90 -12.52
CA LEU A 418 -11.89 -6.22 -13.62
C LEU A 418 -13.27 -5.70 -13.16
N GLU A 419 -13.34 -4.39 -12.98
CA GLU A 419 -14.51 -3.74 -12.42
C GLU A 419 -15.03 -2.69 -13.39
N LEU A 420 -16.24 -2.95 -13.91
CA LEU A 420 -16.82 -2.12 -14.95
C LEU A 420 -18.20 -1.63 -14.57
N SER A 421 -18.62 -1.84 -13.33
CA SER A 421 -20.02 -1.74 -12.99
C SER A 421 -20.60 -0.33 -13.08
N ASP A 422 -21.88 -0.24 -13.37
CA ASP A 422 -22.59 1.04 -13.41
C ASP A 422 -22.02 1.98 -14.49
N ASN A 423 -22.04 1.45 -15.71
CA ASN A 423 -21.82 2.20 -16.94
C ASN A 423 -22.94 1.80 -17.94
N SER A 424 -22.74 1.95 -19.25
CA SER A 424 -23.72 1.50 -20.23
C SER A 424 -23.06 0.66 -21.27
N PHE A 425 -22.17 -0.21 -20.85
CA PHE A 425 -21.47 -1.09 -21.78
C PHE A 425 -22.45 -2.09 -22.37
N THR A 426 -22.19 -2.48 -23.62
CA THR A 426 -23.05 -3.37 -24.38
C THR A 426 -22.14 -4.48 -24.94
N GLY A 427 -22.76 -5.51 -25.51
CA GLY A 427 -22.05 -6.66 -26.13
C GLY A 427 -22.13 -7.92 -25.29
N SER A 428 -21.65 -9.02 -25.86
CA SER A 428 -21.57 -10.30 -25.16
C SER A 428 -20.17 -10.46 -24.59
N ILE A 429 -20.03 -11.23 -23.51
CA ILE A 429 -18.70 -11.53 -22.98
C ILE A 429 -18.09 -12.57 -23.89
N PRO A 430 -16.94 -12.26 -24.49
CA PRO A 430 -16.33 -13.24 -25.44
C PRO A 430 -15.66 -14.45 -24.79
N LYS A 431 -15.37 -15.43 -25.63
CA LYS A 431 -14.71 -16.66 -25.17
C LYS A 431 -13.22 -16.43 -24.91
N THR A 432 -12.67 -15.32 -25.40
CA THR A 432 -11.30 -14.92 -25.05
C THR A 432 -11.15 -14.61 -23.56
N ILE A 433 -12.24 -14.58 -22.78
CA ILE A 433 -12.12 -14.45 -21.32
C ILE A 433 -11.28 -15.59 -20.73
N ILE A 434 -11.21 -16.72 -21.43
CA ILE A 434 -10.36 -17.87 -21.06
C ILE A 434 -8.90 -17.54 -20.74
N GLY A 435 -8.36 -16.49 -21.35
CA GLY A 435 -6.99 -16.06 -21.13
C GLY A 435 -6.73 -15.31 -19.83
N ALA A 436 -7.79 -14.88 -19.13
CA ALA A 436 -7.62 -14.11 -17.88
C ALA A 436 -7.26 -15.03 -16.73
N LYS A 437 -6.05 -15.61 -16.78
CA LYS A 437 -5.67 -16.69 -15.86
C LYS A 437 -5.65 -16.26 -14.41
N ASN A 438 -5.30 -14.98 -14.15
CA ASN A 438 -5.19 -14.39 -12.81
C ASN A 438 -6.46 -13.72 -12.32
N LEU A 439 -7.55 -13.83 -13.06
CA LEU A 439 -8.77 -13.11 -12.67
C LEU A 439 -9.29 -13.63 -11.34
N SER A 440 -9.42 -12.71 -10.37
CA SER A 440 -10.10 -12.96 -9.09
C SER A 440 -11.53 -12.41 -9.00
N ASN A 441 -11.70 -11.15 -9.41
CA ASN A 441 -12.99 -10.45 -9.24
C ASN A 441 -13.49 -9.88 -10.55
N LEU A 442 -14.66 -10.39 -10.99
CA LEU A 442 -15.37 -9.85 -12.14
C LEU A 442 -16.58 -9.09 -11.63
N ARG A 443 -16.53 -7.78 -11.78
CA ARG A 443 -17.56 -6.89 -11.27
C ARG A 443 -18.13 -6.04 -12.41
N ILE A 444 -19.24 -6.52 -13.01
CA ILE A 444 -19.83 -5.91 -14.22
C ILE A 444 -21.31 -5.58 -14.15
N SER A 445 -21.83 -5.50 -12.94
CA SER A 445 -23.23 -5.20 -12.71
CA SER A 445 -23.23 -5.20 -12.71
C SER A 445 -23.64 -3.82 -13.24
N LYS A 446 -24.94 -3.67 -13.52
CA LYS A 446 -25.51 -2.40 -13.91
C LYS A 446 -24.93 -1.92 -15.22
N ASN A 447 -25.05 -2.75 -16.27
CA ASN A 447 -24.60 -2.38 -17.62
C ASN A 447 -25.67 -2.87 -18.59
N ARG A 448 -25.35 -2.99 -19.86
CA ARG A 448 -26.29 -3.56 -20.83
C ARG A 448 -25.67 -4.77 -21.56
N PHE A 449 -24.91 -5.59 -20.85
CA PHE A 449 -24.27 -6.74 -21.47
C PHE A 449 -25.37 -7.76 -21.83
N SER A 450 -25.22 -8.41 -22.97
CA SER A 450 -26.24 -9.30 -23.52
C SER A 450 -25.60 -10.66 -23.80
N GLY A 451 -26.40 -11.60 -24.30
CA GLY A 451 -25.90 -12.93 -24.64
C GLY A 451 -25.72 -13.79 -23.41
N SER A 452 -25.08 -14.92 -23.60
CA SER A 452 -25.06 -15.96 -22.60
C SER A 452 -23.77 -15.81 -21.88
N ILE A 453 -23.75 -16.24 -20.61
CA ILE A 453 -22.54 -16.23 -19.81
C ILE A 453 -21.68 -17.32 -20.43
N PRO A 454 -20.47 -16.97 -20.94
CA PRO A 454 -19.70 -18.03 -21.61
C PRO A 454 -19.20 -19.10 -20.65
N ASN A 455 -19.27 -20.34 -21.11
CA ASN A 455 -18.77 -21.52 -20.38
C ASN A 455 -17.30 -21.38 -19.89
N GLU A 456 -16.44 -20.70 -20.63
CA GLU A 456 -15.02 -20.58 -20.27
C GLU A 456 -14.72 -19.89 -18.93
N ILE A 457 -15.65 -19.10 -18.41
CA ILE A 457 -15.44 -18.46 -17.09
C ILE A 457 -15.25 -19.56 -16.03
N GLY A 458 -15.89 -20.72 -16.25
CA GLY A 458 -15.63 -21.93 -15.46
C GLY A 458 -14.22 -22.52 -15.49
N SER A 459 -13.39 -22.13 -16.43
CA SER A 459 -11.97 -22.53 -16.43
C SER A 459 -11.02 -21.66 -15.57
N LEU A 460 -11.48 -20.54 -15.06
CA LEU A 460 -10.58 -19.61 -14.36
C LEU A 460 -10.61 -19.96 -12.88
N ASN A 461 -9.68 -20.82 -12.48
CA ASN A 461 -9.79 -21.52 -11.17
C ASN A 461 -9.66 -20.61 -9.97
N GLY A 462 -9.00 -19.47 -10.15
CA GLY A 462 -8.86 -18.51 -9.09
C GLY A 462 -10.08 -17.62 -8.85
N ILE A 463 -11.11 -17.67 -9.69
CA ILE A 463 -12.18 -16.67 -9.54
C ILE A 463 -12.77 -16.77 -8.14
N ILE A 464 -12.90 -15.63 -7.47
CA ILE A 464 -13.63 -15.55 -6.19
C ILE A 464 -14.97 -14.79 -6.30
N GLU A 465 -15.16 -14.01 -7.35
CA GLU A 465 -16.36 -13.20 -7.44
C GLU A 465 -16.79 -13.04 -8.89
N ILE A 466 -18.05 -13.38 -9.14
CA ILE A 466 -18.70 -13.11 -10.42
C ILE A 466 -19.92 -12.30 -10.06
N SER A 467 -19.88 -11.04 -10.44
CA SER A 467 -20.90 -10.09 -10.09
C SER A 467 -21.39 -9.45 -11.38
N GLY A 468 -22.60 -9.87 -11.80
CA GLY A 468 -23.18 -9.56 -13.12
C GLY A 468 -24.64 -9.10 -13.12
N ALA A 469 -25.12 -8.64 -11.96
CA ALA A 469 -26.50 -8.20 -11.78
C ALA A 469 -26.89 -7.04 -12.68
N GLU A 470 -28.17 -6.92 -13.00
CA GLU A 470 -28.68 -5.77 -13.74
C GLU A 470 -28.02 -5.61 -15.10
N ASN A 471 -28.04 -6.68 -15.88
CA ASN A 471 -27.64 -6.66 -17.25
C ASN A 471 -28.76 -7.25 -18.08
N ASP A 472 -28.43 -7.81 -19.25
CA ASP A 472 -29.38 -8.44 -20.15
C ASP A 472 -28.98 -9.88 -20.49
N PHE A 473 -28.30 -10.55 -19.57
CA PHE A 473 -27.83 -11.91 -19.80
C PHE A 473 -29.02 -12.87 -19.91
N SER A 474 -28.87 -13.84 -20.82
CA SER A 474 -29.93 -14.79 -21.19
C SER A 474 -29.30 -16.17 -21.39
N GLY A 475 -30.12 -17.15 -21.75
CA GLY A 475 -29.64 -18.53 -21.83
C GLY A 475 -29.41 -19.05 -20.42
N GLU A 476 -28.53 -20.03 -20.30
CA GLU A 476 -28.47 -20.79 -19.07
C GLU A 476 -27.24 -20.43 -18.28
N ILE A 477 -27.28 -20.68 -16.98
CA ILE A 477 -26.09 -20.67 -16.14
C ILE A 477 -25.22 -21.83 -16.61
N PRO A 478 -23.96 -21.58 -17.01
CA PRO A 478 -23.14 -22.73 -17.45
C PRO A 478 -22.88 -23.65 -16.28
N GLU A 479 -23.02 -24.96 -16.53
CA GLU A 479 -22.66 -26.00 -15.57
C GLU A 479 -21.24 -25.85 -15.06
N SER A 480 -20.36 -25.26 -15.88
CA SER A 480 -18.96 -25.09 -15.51
C SER A 480 -18.75 -24.26 -14.23
N LEU A 481 -19.61 -23.27 -13.97
CA LEU A 481 -19.44 -22.38 -12.82
C LEU A 481 -19.45 -23.17 -11.53
N VAL A 482 -20.14 -24.30 -11.57
CA VAL A 482 -20.35 -25.15 -10.43
C VAL A 482 -19.09 -25.89 -9.91
N LYS A 483 -17.99 -25.86 -10.66
CA LYS A 483 -16.71 -26.42 -10.21
C LYS A 483 -15.62 -25.36 -9.98
N LEU A 484 -16.03 -24.11 -9.78
CA LEU A 484 -15.11 -23.05 -9.36
C LEU A 484 -14.97 -23.14 -7.84
N LYS A 485 -13.87 -23.76 -7.43
CA LYS A 485 -13.67 -24.13 -6.03
C LYS A 485 -13.55 -22.94 -5.07
N GLN A 486 -13.08 -21.80 -5.59
CA GLN A 486 -12.82 -20.63 -4.77
C GLN A 486 -13.90 -19.61 -4.85
N LEU A 487 -14.95 -19.88 -5.63
CA LEU A 487 -16.01 -18.88 -5.84
C LEU A 487 -16.74 -18.56 -4.53
N SER A 488 -16.75 -17.26 -4.19
CA SER A 488 -17.30 -16.74 -2.97
C SER A 488 -18.63 -16.13 -3.20
N ARG A 489 -18.78 -15.38 -4.28
CA ARG A 489 -19.97 -14.58 -4.48
C ARG A 489 -20.38 -14.74 -5.94
N LEU A 490 -21.60 -15.25 -6.16
CA LEU A 490 -22.25 -15.30 -7.46
C LEU A 490 -23.48 -14.44 -7.42
N ASP A 491 -23.46 -13.32 -8.14
CA ASP A 491 -24.63 -12.44 -8.21
C ASP A 491 -24.99 -12.21 -9.66
N LEU A 492 -26.11 -12.81 -10.09
CA LEU A 492 -26.63 -12.64 -11.43
C LEU A 492 -28.11 -12.22 -11.43
N SER A 493 -28.52 -11.51 -10.37
CA SER A 493 -29.87 -11.00 -10.27
C SER A 493 -30.20 -9.95 -11.34
N LYS A 494 -31.50 -9.85 -11.67
CA LYS A 494 -32.01 -8.86 -12.64
C LYS A 494 -31.34 -9.02 -14.01
N ASN A 495 -31.50 -10.23 -14.55
CA ASN A 495 -31.11 -10.55 -15.91
C ASN A 495 -32.30 -11.32 -16.51
N GLN A 496 -32.04 -12.12 -17.55
CA GLN A 496 -33.06 -12.88 -18.28
C GLN A 496 -32.63 -14.35 -18.37
N LEU A 497 -31.95 -14.86 -17.36
CA LEU A 497 -31.45 -16.23 -17.40
C LEU A 497 -32.59 -17.24 -17.27
N SER A 498 -32.42 -18.37 -17.94
CA SER A 498 -33.43 -19.44 -18.01
C SER A 498 -32.80 -20.79 -17.65
N GLY A 499 -33.63 -21.82 -17.57
CA GLY A 499 -33.17 -23.15 -17.24
C GLY A 499 -33.04 -23.30 -15.72
N GLU A 500 -32.17 -24.19 -15.32
CA GLU A 500 -32.18 -24.70 -13.97
C GLU A 500 -30.86 -24.39 -13.31
N ILE A 501 -30.82 -24.59 -12.00
CA ILE A 501 -29.58 -24.56 -11.23
C ILE A 501 -29.05 -26.00 -11.32
N PRO A 502 -27.74 -26.19 -11.56
CA PRO A 502 -27.23 -27.59 -11.53
C PRO A 502 -27.47 -28.26 -10.18
N ARG A 503 -27.66 -29.58 -10.20
CA ARG A 503 -27.97 -30.35 -8.99
C ARG A 503 -26.70 -30.68 -8.17
N GLU A 504 -25.58 -30.91 -8.84
CA GLU A 504 -24.30 -31.20 -8.16
C GLU A 504 -23.47 -29.94 -7.91
N LEU A 505 -23.46 -29.51 -6.63
CA LEU A 505 -22.89 -28.24 -6.18
C LEU A 505 -21.81 -28.37 -5.12
N ARG A 506 -21.30 -29.56 -4.83
CA ARG A 506 -20.22 -29.72 -3.82
C ARG A 506 -18.90 -29.04 -4.17
N GLY A 507 -18.72 -28.61 -5.42
CA GLY A 507 -17.51 -27.82 -5.80
C GLY A 507 -17.51 -26.43 -5.16
N TRP A 508 -18.70 -26.00 -4.72
CA TRP A 508 -18.90 -24.64 -4.23
C TRP A 508 -18.66 -24.55 -2.72
N LYS A 509 -17.49 -25.02 -2.32
CA LYS A 509 -17.13 -25.09 -0.92
C LYS A 509 -16.84 -23.74 -0.33
N ASN A 510 -16.67 -22.70 -1.16
CA ASN A 510 -16.39 -21.41 -0.63
C ASN A 510 -17.50 -20.45 -0.90
N LEU A 511 -18.64 -20.95 -1.37
CA LEU A 511 -19.66 -20.03 -1.85
C LEU A 511 -20.45 -19.46 -0.70
N ASN A 512 -20.35 -18.15 -0.56
CA ASN A 512 -20.96 -17.44 0.52
C ASN A 512 -22.29 -16.77 0.11
N GLU A 513 -22.40 -16.35 -1.12
CA GLU A 513 -23.58 -15.64 -1.59
C GLU A 513 -23.99 -16.22 -2.91
N LEU A 514 -25.27 -16.61 -3.03
CA LEU A 514 -25.87 -17.01 -4.29
C LEU A 514 -27.08 -16.13 -4.52
N ASN A 515 -26.96 -15.23 -5.48
CA ASN A 515 -28.06 -14.32 -5.78
C ASN A 515 -28.47 -14.40 -7.23
N LEU A 516 -29.63 -15.02 -7.48
CA LEU A 516 -30.19 -15.18 -8.81
C LEU A 516 -31.59 -14.63 -8.93
N ALA A 517 -31.96 -13.73 -8.04
CA ALA A 517 -33.26 -13.06 -8.05
C ALA A 517 -33.59 -12.39 -9.39
N ASN A 518 -34.86 -12.37 -9.76
CA ASN A 518 -35.33 -11.62 -10.92
C ASN A 518 -34.74 -12.07 -12.24
N ASN A 519 -34.96 -13.34 -12.55
CA ASN A 519 -34.58 -13.96 -13.81
C ASN A 519 -35.82 -14.77 -14.31
N HIS A 520 -35.60 -15.77 -15.17
CA HIS A 520 -36.62 -16.71 -15.64
C HIS A 520 -36.24 -18.18 -15.32
N LEU A 521 -35.65 -18.42 -14.15
CA LEU A 521 -35.12 -19.73 -13.80
C LEU A 521 -36.23 -20.69 -13.36
N SER A 522 -36.06 -21.96 -13.68
CA SER A 522 -37.13 -22.95 -13.47
C SER A 522 -36.57 -24.20 -12.78
N GLY A 523 -37.40 -25.24 -12.64
CA GLY A 523 -36.99 -26.46 -11.96
C GLY A 523 -37.03 -26.28 -10.46
N GLU A 524 -36.37 -27.21 -9.76
CA GLU A 524 -36.36 -27.25 -8.32
C GLU A 524 -35.15 -26.59 -7.76
N ILE A 525 -35.27 -26.12 -6.53
CA ILE A 525 -34.10 -25.66 -5.77
C ILE A 525 -33.36 -26.94 -5.44
N PRO A 526 -32.12 -27.11 -5.91
CA PRO A 526 -31.43 -28.39 -5.59
C PRO A 526 -31.17 -28.58 -4.10
N LYS A 527 -31.28 -29.81 -3.63
CA LYS A 527 -31.12 -30.12 -2.22
C LYS A 527 -29.72 -29.78 -1.68
N GLU A 528 -28.72 -29.84 -2.56
CA GLU A 528 -27.33 -29.58 -2.16
C GLU A 528 -27.02 -28.12 -1.85
N VAL A 529 -27.95 -27.20 -2.15
CA VAL A 529 -27.82 -25.83 -1.65
C VAL A 529 -27.62 -25.83 -0.13
N GLY A 530 -28.36 -26.67 0.60
CA GLY A 530 -28.23 -26.73 2.07
C GLY A 530 -26.99 -27.38 2.68
N ILE A 531 -26.15 -28.00 1.86
CA ILE A 531 -24.92 -28.65 2.28
C ILE A 531 -23.68 -27.75 1.99
N LEU A 532 -23.90 -26.57 1.40
CA LEU A 532 -22.80 -25.65 1.12
C LEU A 532 -22.32 -25.10 2.46
N PRO A 533 -21.04 -25.33 2.79
CA PRO A 533 -20.58 -25.02 4.14
C PRO A 533 -20.55 -23.54 4.62
N VAL A 534 -20.44 -22.56 3.72
CA VAL A 534 -20.31 -21.15 4.16
C VAL A 534 -21.32 -20.19 3.50
N LEU A 535 -22.43 -20.75 3.03
CA LEU A 535 -23.44 -20.00 2.36
C LEU A 535 -24.24 -19.23 3.40
N ASN A 536 -24.24 -17.91 3.30
CA ASN A 536 -24.95 -17.01 4.23
C ASN A 536 -26.00 -16.12 3.56
N TYR A 537 -26.03 -16.16 2.23
CA TYR A 537 -26.92 -15.32 1.48
C TYR A 537 -27.54 -16.13 0.36
N LEU A 538 -28.86 -16.24 0.34
CA LEU A 538 -29.52 -16.99 -0.73
C LEU A 538 -30.74 -16.27 -1.19
N ASP A 539 -30.70 -15.79 -2.44
CA ASP A 539 -31.84 -15.06 -2.98
C ASP A 539 -32.19 -15.63 -4.35
N LEU A 540 -33.31 -16.38 -4.38
CA LEU A 540 -33.85 -16.98 -5.59
C LEU A 540 -35.23 -16.43 -5.95
N SER A 541 -35.54 -15.23 -5.42
CA SER A 541 -36.88 -14.64 -5.54
C SER A 541 -37.13 -14.15 -6.97
N SER A 542 -38.41 -14.01 -7.32
CA SER A 542 -38.81 -13.52 -8.64
C SER A 542 -38.22 -14.40 -9.77
N ASN A 543 -38.50 -15.70 -9.69
CA ASN A 543 -38.21 -16.64 -10.76
C ASN A 543 -39.41 -17.57 -10.98
N GLN A 544 -39.19 -18.78 -11.52
CA GLN A 544 -40.24 -19.76 -11.72
C GLN A 544 -39.84 -21.12 -11.14
N PHE A 545 -39.20 -21.09 -9.96
CA PHE A 545 -38.84 -22.30 -9.26
C PHE A 545 -40.11 -23.04 -8.79
N SER A 546 -40.09 -24.35 -8.93
CA SER A 546 -41.26 -25.19 -8.56
C SER A 546 -40.84 -26.30 -7.61
N GLY A 547 -41.79 -27.12 -7.16
CA GLY A 547 -41.52 -28.15 -6.20
C GLY A 547 -41.42 -27.57 -4.80
N GLU A 548 -40.77 -28.33 -3.94
CA GLU A 548 -40.82 -28.10 -2.51
C GLU A 548 -39.51 -27.44 -2.10
N ILE A 549 -39.57 -26.62 -1.06
CA ILE A 549 -38.37 -25.98 -0.54
C ILE A 549 -37.61 -27.09 0.17
N PRO A 550 -36.36 -27.39 -0.23
CA PRO A 550 -35.64 -28.51 0.42
CA PRO A 550 -35.68 -28.52 0.42
C PRO A 550 -35.47 -28.29 1.93
N LEU A 551 -35.58 -29.36 2.73
CA LEU A 551 -35.42 -29.26 4.20
C LEU A 551 -33.98 -28.89 4.60
N GLU A 552 -33.01 -29.17 3.71
CA GLU A 552 -31.59 -28.96 3.96
C GLU A 552 -31.23 -27.50 4.15
N LEU A 553 -32.05 -26.58 3.61
CA LEU A 553 -31.89 -25.14 3.90
C LEU A 553 -31.83 -24.83 5.38
N GLN A 554 -32.44 -25.69 6.21
CA GLN A 554 -32.40 -25.55 7.68
C GLN A 554 -31.01 -25.79 8.33
N ASN A 555 -30.04 -26.27 7.55
CA ASN A 555 -28.68 -26.45 8.04
C ASN A 555 -27.95 -25.12 8.10
N LEU A 556 -28.31 -24.23 7.20
CA LEU A 556 -27.58 -23.01 6.93
C LEU A 556 -27.91 -21.94 7.96
N LYS A 557 -27.02 -20.98 8.16
CA LYS A 557 -27.34 -19.78 8.93
C LYS A 557 -27.37 -18.67 7.91
N LEU A 558 -28.56 -18.25 7.53
CA LEU A 558 -28.77 -17.36 6.40
C LEU A 558 -29.06 -15.99 6.90
N ASN A 559 -28.26 -15.03 6.46
CA ASN A 559 -28.56 -13.62 6.69
C ASN A 559 -29.70 -13.21 5.79
N VAL A 560 -29.70 -13.70 4.56
CA VAL A 560 -30.77 -13.43 3.63
C VAL A 560 -31.26 -14.76 3.06
N LEU A 561 -32.57 -14.98 3.14
CA LEU A 561 -33.25 -16.10 2.48
C LEU A 561 -34.47 -15.47 1.83
N ASN A 562 -34.55 -15.58 0.52
CA ASN A 562 -35.66 -14.99 -0.18
C ASN A 562 -35.99 -15.90 -1.34
N LEU A 563 -37.18 -16.49 -1.26
CA LEU A 563 -37.72 -17.41 -2.26
C LEU A 563 -39.12 -16.93 -2.75
N SER A 564 -39.40 -15.65 -2.49
CA SER A 564 -40.66 -15.01 -2.82
C SER A 564 -40.85 -14.98 -4.31
N TYR A 565 -42.09 -14.92 -4.74
CA TYR A 565 -42.43 -14.78 -6.20
C TYR A 565 -41.82 -15.86 -7.10
N ASN A 566 -42.16 -17.10 -6.76
CA ASN A 566 -41.86 -18.30 -7.52
C ASN A 566 -43.13 -19.14 -7.63
N HIS A 567 -43.00 -20.39 -8.11
CA HIS A 567 -44.11 -21.32 -8.24
C HIS A 567 -43.96 -22.49 -7.27
N LEU A 568 -43.50 -22.23 -6.06
CA LEU A 568 -43.14 -23.29 -5.10
C LEU A 568 -44.35 -23.84 -4.37
N SER A 569 -44.24 -25.08 -3.93
CA SER A 569 -45.37 -25.79 -3.28
C SER A 569 -44.93 -26.63 -2.05
N GLY A 570 -45.89 -27.25 -1.37
CA GLY A 570 -45.60 -28.03 -0.16
C GLY A 570 -45.61 -27.12 1.06
N LYS A 571 -44.87 -27.55 2.07
CA LYS A 571 -44.84 -26.81 3.32
C LYS A 571 -43.56 -26.02 3.41
N ILE A 572 -43.59 -24.95 4.20
CA ILE A 572 -42.40 -24.23 4.57
C ILE A 572 -41.65 -25.15 5.56
N PRO A 573 -40.33 -25.31 5.42
CA PRO A 573 -39.57 -26.05 6.42
C PRO A 573 -39.79 -25.48 7.83
N PRO A 574 -39.92 -26.35 8.83
CA PRO A 574 -40.42 -25.91 10.17
C PRO A 574 -39.60 -24.85 10.87
N LEU A 575 -38.31 -24.77 10.58
CA LEU A 575 -37.42 -23.74 11.16
C LEU A 575 -37.88 -22.34 10.78
N TYR A 576 -38.41 -22.19 9.57
CA TYR A 576 -38.83 -20.90 9.06
C TYR A 576 -40.34 -20.63 9.27
N ALA A 577 -41.04 -21.49 10.02
CA ALA A 577 -42.50 -21.39 10.20
C ALA A 577 -42.99 -20.17 10.96
N ASN A 578 -42.12 -19.47 11.70
CA ASN A 578 -42.57 -18.27 12.40
C ASN A 578 -42.86 -17.10 11.46
N LYS A 579 -43.85 -16.26 11.83
CA LYS A 579 -44.31 -15.11 11.02
C LYS A 579 -43.20 -14.08 10.68
N ILE A 580 -42.14 -14.00 11.50
CA ILE A 580 -40.99 -13.16 11.18
C ILE A 580 -40.25 -13.55 9.89
N TYR A 581 -40.33 -14.81 9.45
CA TYR A 581 -39.76 -15.23 8.15
C TYR A 581 -40.75 -15.18 6.97
N ALA A 582 -41.99 -14.73 7.19
CA ALA A 582 -43.05 -14.88 6.21
C ALA A 582 -42.76 -14.12 4.92
N HIS A 583 -42.13 -12.95 5.05
CA HIS A 583 -41.69 -12.14 3.92
C HIS A 583 -40.73 -12.88 2.99
N ASP A 584 -40.11 -13.96 3.48
CA ASP A 584 -39.18 -14.75 2.66
C ASP A 584 -39.88 -15.60 1.59
N PHE A 585 -41.17 -15.87 1.76
CA PHE A 585 -41.90 -16.87 0.99
C PHE A 585 -43.18 -16.38 0.31
N ILE A 586 -43.56 -15.11 0.48
CA ILE A 586 -44.73 -14.52 -0.20
C ILE A 586 -44.68 -14.69 -1.71
N GLY A 587 -45.84 -14.72 -2.34
CA GLY A 587 -45.90 -14.86 -3.79
C GLY A 587 -45.62 -16.28 -4.27
N ASN A 588 -45.88 -17.27 -3.43
CA ASN A 588 -45.89 -18.67 -3.90
C ASN A 588 -47.25 -19.24 -3.59
N PRO A 589 -48.19 -19.12 -4.55
CA PRO A 589 -49.57 -19.48 -4.20
C PRO A 589 -49.73 -20.95 -3.71
N GLY A 590 -48.87 -21.85 -4.21
CA GLY A 590 -48.85 -23.26 -3.80
C GLY A 590 -48.30 -23.62 -2.42
N LEU A 591 -47.81 -22.63 -1.67
CA LEU A 591 -47.08 -22.83 -0.42
C LEU A 591 -47.99 -22.61 0.77
N CYS A 592 -47.68 -23.25 1.89
CA CYS A 592 -48.34 -22.92 3.13
C CYS A 592 -47.46 -23.19 4.36
N VAL A 593 -47.94 -22.71 5.51
CA VAL A 593 -47.23 -22.83 6.81
C VAL A 593 -48.01 -23.85 7.63
N ASP A 594 -47.31 -24.77 8.30
CA ASP A 594 -47.97 -25.69 9.22
C ASP A 594 -48.13 -25.04 10.61
N LEU A 595 -49.17 -24.20 10.72
CA LEU A 595 -49.57 -23.57 11.98
C LEU A 595 -50.50 -24.51 12.74
N ASP A 596 -49.91 -25.29 13.64
CA ASP A 596 -50.62 -26.17 14.60
C ASP A 596 -51.80 -26.98 14.02
N GLY A 597 -51.51 -27.92 13.11
CA GLY A 597 -52.53 -28.80 12.52
C GLY A 597 -52.73 -28.62 11.03
N LEU A 598 -53.70 -27.77 10.66
CA LEU A 598 -53.95 -27.42 9.26
C LEU A 598 -52.90 -26.45 8.66
N CYS A 599 -53.06 -26.13 7.37
CA CYS A 599 -52.13 -25.24 6.64
C CYS A 599 -52.74 -23.86 6.32
N ARG A 600 -52.02 -22.78 6.68
CA ARG A 600 -52.41 -21.39 6.41
C ARG A 600 -51.55 -20.81 5.26
N LYS A 601 -52.19 -20.18 4.27
CA LYS A 601 -51.53 -19.74 3.01
C LYS A 601 -50.52 -18.61 3.22
N PRO B 6 8.83 -3.59 9.78
CA PRO B 6 9.92 -2.64 10.06
C PRO B 6 9.49 -1.15 10.06
N ILE B 7 10.45 -0.26 9.81
CA ILE B 7 10.18 1.20 9.76
C ILE B 7 9.70 1.54 8.33
N PRO B 8 8.58 2.32 8.19
CA PRO B 8 8.12 2.73 6.84
C PRO B 8 9.24 3.49 6.09
N PRO B 9 9.54 3.16 4.81
CA PRO B 9 10.64 3.93 4.16
C PRO B 9 10.22 5.39 3.99
N SER B 10 11.21 6.27 3.84
CA SER B 10 10.98 7.59 3.34
C SER B 10 10.60 7.51 1.84
N ALA B 11 9.30 7.45 1.55
CA ALA B 11 8.83 7.25 0.18
C ALA B 11 7.34 7.60 0.04
N HYP B 12 6.86 7.73 -1.21
CA HYP B 12 5.41 7.88 -1.46
C HYP B 12 4.37 7.05 -0.72
O HYP B 12 4.61 5.85 -0.55
CB HYP B 12 5.15 8.21 -2.92
CG HYP B 12 6.55 8.58 -3.41
CD HYP B 12 7.52 7.79 -2.52
OD1 HYP B 12 6.67 9.99 -3.25
N SER B 13 3.22 7.64 -0.32
CA SER B 13 2.12 6.77 0.23
C SER B 13 1.74 5.74 -0.83
N LYS B 14 1.56 4.50 -0.39
CA LYS B 14 1.07 3.41 -1.28
C LYS B 14 -0.48 3.26 -1.31
N ARG B 15 -1.21 4.07 -0.57
CA ARG B 15 -2.68 4.00 -0.60
C ARG B 15 -3.24 4.20 -2.01
N HIS B 16 -4.30 3.48 -2.31
CA HIS B 16 -4.96 3.52 -3.60
C HIS B 16 -6.31 2.77 -3.44
N ASN B 17 -7.16 2.93 -4.44
CA ASN B 17 -8.45 2.25 -4.51
C ASN B 17 -8.34 1.01 -5.43
C1 NAG C . 18.92 -9.16 8.52
C2 NAG C . 18.38 -8.95 7.12
C3 NAG C . 17.60 -10.17 6.64
C4 NAG C . 18.46 -11.43 6.80
C5 NAG C . 18.91 -11.52 8.26
C6 NAG C . 19.75 -12.74 8.63
C7 NAG C . 17.92 -6.64 6.48
C8 NAG C . 16.97 -5.48 6.61
N2 NAG C . 17.56 -7.75 7.12
O3 NAG C . 17.27 -9.97 5.26
O4 NAG C . 17.67 -12.57 6.41
O5 NAG C . 19.68 -10.36 8.55
O6 NAG C . 21.05 -12.63 8.03
O7 NAG C . 18.95 -6.56 5.82
C1 NAG C . 18.11 -13.20 5.18
C2 NAG C . 17.56 -14.63 5.10
C3 NAG C . 18.15 -15.32 3.88
C4 NAG C . 17.92 -14.51 2.61
C5 NAG C . 18.27 -13.03 2.79
C6 NAG C . 17.81 -12.17 1.61
C7 NAG C . 17.05 -15.48 7.35
C8 NAG C . 17.54 -16.34 8.47
N2 NAG C . 17.85 -15.41 6.28
O3 NAG C . 17.60 -16.64 3.76
O4 NAG C . 18.70 -15.10 1.57
O5 NAG C . 17.70 -12.50 4.01
O6 NAG C . 18.79 -11.16 1.32
O7 NAG C . 15.99 -14.87 7.43
C1 NAG D . 10.74 -4.12 21.42
C2 NAG D . 10.78 -5.46 22.16
C3 NAG D . 9.80 -6.48 21.56
C4 NAG D . 8.40 -5.97 21.25
C5 NAG D . 8.43 -4.50 20.79
C6 NAG D . 7.05 -3.83 20.86
C7 NAG D . 12.88 -6.23 23.20
C8 NAG D . 14.19 -6.90 22.90
N2 NAG D . 12.09 -6.07 22.13
O3 NAG D . 9.72 -7.53 22.51
O4 NAG D . 7.89 -6.79 20.19
O5 NAG D . 9.37 -3.72 21.59
O6 NAG D . 6.69 -3.63 22.24
O7 NAG D . 12.62 -5.84 24.32
C1 NAG D . 6.77 -7.68 20.45
C2 NAG D . 6.89 -8.72 21.61
C3 NAG D . 5.62 -9.59 21.59
C4 NAG D . 4.32 -8.81 21.54
C5 NAG D . 4.35 -7.63 20.56
C6 NAG D . 3.21 -6.64 20.82
C7 NAG D . 8.67 -10.36 22.40
C8 NAG D . 8.33 -10.29 23.88
N2 NAG D . 8.02 -9.64 21.46
O3 NAG D . 5.54 -10.43 22.76
O4 NAG D . 3.26 -9.73 21.21
O5 NAG D . 5.58 -6.91 20.66
O6 NAG D . 3.52 -5.37 20.25
O7 NAG D . 9.59 -11.10 22.08
C1 NAG E . -2.27 9.68 9.76
C2 NAG E . -2.61 8.23 10.12
C3 NAG E . -3.18 8.10 11.52
C4 NAG E . -2.21 8.72 12.53
C5 NAG E . -2.02 10.18 12.13
C6 NAG E . -1.12 10.94 13.11
C7 NAG E . -3.11 7.02 8.07
C8 NAG E . -4.19 6.51 7.17
N2 NAG E . -3.54 7.68 9.15
O3 NAG E . -3.33 6.70 11.81
O4 NAG E . -2.71 8.60 13.87
O5 NAG E . -1.45 10.20 10.82
O6 NAG E . -0.46 12.05 12.48
O7 NAG E . -1.94 6.85 7.82
C1 NAG E . -1.83 7.80 14.70
C2 NAG E . -2.19 7.98 16.20
C3 NAG E . -2.80 6.70 16.83
C4 NAG E . -2.09 5.39 16.47
C5 NAG E . -1.15 5.59 15.28
C6 NAG E . -0.70 4.28 14.62
C7 NAG E . -0.53 9.69 16.93
C8 NAG E . 0.72 9.94 17.74
N2 NAG E . -1.00 8.42 16.93
O3 NAG E . -4.18 6.61 16.42
O4 NAG E . -1.32 4.86 17.59
O5 NAG E . -1.82 6.42 14.32
O6 NAG E . -1.80 3.68 13.91
O7 NAG E . -1.06 10.60 16.32
C1 BMA E . -2.06 4.04 18.54
C2 BMA E . -1.66 2.55 18.46
C3 BMA E . -1.51 1.86 19.83
C4 BMA E . -2.51 2.38 20.88
C5 BMA E . -2.74 3.90 20.86
C6 BMA E . -2.51 4.56 22.22
O2 BMA E . -0.43 2.37 17.73
O3 BMA E . -0.16 2.04 20.32
O4 BMA E . -3.76 1.71 20.68
O5 BMA E . -1.88 4.54 19.88
O6 BMA E . -3.17 5.83 22.26
C1 MAN E . 0.56 0.84 20.68
C2 MAN E . 0.18 0.40 22.10
C3 MAN E . 1.31 -0.38 22.81
C4 MAN E . 2.18 -1.12 21.77
C5 MAN E . 2.85 -0.09 20.85
C6 MAN E . 3.37 -0.73 19.56
O2 MAN E . -1.03 -0.37 22.04
O3 MAN E . 0.79 -1.30 23.77
O4 MAN E . 3.16 -1.94 22.42
O5 MAN E . 1.99 1.03 20.54
O6 MAN E . 4.78 -0.50 19.42
C1 NAG F . -37.51 -10.65 -1.77
C2 NAG F . -37.62 -9.41 -0.89
C3 NAG F . -38.67 -8.45 -1.45
C4 NAG F . -38.49 -8.18 -2.95
C5 NAG F . -38.41 -9.52 -3.67
C6 NAG F . -38.22 -9.29 -5.17
C7 NAG F . -37.26 -9.62 1.57
C8 NAG F . -37.86 -10.14 2.84
N2 NAG F . -37.98 -9.83 0.45
O3 NAG F . -38.59 -7.22 -0.72
O4 NAG F . -39.58 -7.42 -3.48
O5 NAG F . -37.33 -10.29 -3.14
O6 NAG F . -37.72 -10.48 -5.79
O7 NAG F . -36.19 -9.04 1.60
C1 NAG F . -39.18 -6.20 -4.16
C2 NAG F . -40.35 -5.67 -4.99
C3 NAG F . -39.93 -4.39 -5.70
C4 NAG F . -39.55 -3.35 -4.66
C5 NAG F . -38.45 -3.90 -3.73
C6 NAG F . -38.24 -2.97 -2.53
C7 NAG F . -42.04 -7.23 -5.89
C8 NAG F . -42.37 -8.22 -6.98
N2 NAG F . -40.83 -6.65 -5.97
O3 NAG F . -41.01 -3.86 -6.50
O4 NAG F . -39.10 -2.15 -5.33
O5 NAG F . -38.77 -5.20 -3.22
O6 NAG F . -36.91 -2.44 -2.55
O7 NAG F . -42.84 -6.98 -5.00
C1 NAG G . 20.75 -11.40 25.30
C2 NAG G . 20.22 -11.45 26.73
C3 NAG G . 20.56 -12.80 27.36
C4 NAG G . 19.78 -13.89 26.61
C5 NAG G . 20.29 -13.86 25.16
C6 NAG G . 19.62 -14.94 24.29
C7 NAG G . 19.92 -9.40 28.02
C8 NAG G . 20.56 -8.34 28.86
N2 NAG G . 20.72 -10.36 27.55
O3 NAG G . 20.28 -12.82 28.76
O4 NAG G . 19.96 -15.17 27.24
O5 NAG G . 20.17 -12.53 24.59
O6 NAG G . 18.48 -14.50 23.57
O7 NAG G . 18.74 -9.36 27.75
C1 NAG H . 23.67 24.85 21.63
C2 NAG H . 24.25 26.27 21.79
C3 NAG H . 23.56 26.94 23.00
C4 NAG H . 22.03 26.93 22.81
C5 NAG H . 21.54 25.48 22.63
C6 NAG H . 20.03 25.35 22.41
C7 NAG H . 26.70 25.49 21.90
C8 NAG H . 28.10 26.03 22.02
N2 NAG H . 25.72 26.42 21.89
O3 NAG H . 24.05 28.28 23.13
O4 NAG H . 21.36 27.54 23.93
O5 NAG H . 22.23 24.91 21.51
O6 NAG H . 19.58 26.12 21.30
O7 NAG H . 26.54 24.27 21.82
C1 NAG I . 11.07 28.95 -9.25
C2 NAG I . 12.58 29.04 -8.95
C3 NAG I . 12.79 29.83 -7.65
C4 NAG I . 12.09 31.19 -7.69
C5 NAG I . 10.59 31.05 -8.01
C6 NAG I . 9.99 32.45 -8.20
C7 NAG I . 14.08 27.15 -9.64
C8 NAG I . 14.56 25.76 -9.29
N2 NAG I . 13.17 27.70 -8.80
O3 NAG I . 14.18 30.06 -7.36
O4 NAG I . 12.27 31.86 -6.43
O5 NAG I . 10.39 30.22 -9.17
O6 NAG I . 8.85 32.43 -9.06
O7 NAG I . 14.51 27.71 -10.63
MG MG J . -0.46 23.70 -18.58
MG MG K . -20.45 -5.48 -9.75
C1 EDO L . -2.79 -0.18 -0.29
O1 EDO L . -1.64 -0.16 0.59
C2 EDO L . -4.10 -0.44 0.47
O2 EDO L . -4.75 0.83 0.72
#